data_6NYB
#
_entry.id   6NYB
#
_cell.length_a   1.00
_cell.length_b   1.00
_cell.length_c   1.00
_cell.angle_alpha   90.00
_cell.angle_beta   90.00
_cell.angle_gamma   90.00
#
_symmetry.space_group_name_H-M   'P 1'
#
loop_
_entity.id
_entity.type
_entity.pdbx_description
1 polymer 'Serine/threonine-protein kinase B-raf'
2 polymer 'Dual specificity mitogen-activated protein kinase kinase 1'
3 polymer '14-3-3 protein zeta'
4 non-polymer 'PHOSPHOTHIOPHOSPHORIC ACID-ADENYLATE ESTER'
5 non-polymer 'ZINC ION'
6 non-polymer "ADENOSINE-5'-DIPHOSPHATE"
7 non-polymer 'MAGNESIUM ION'
8 non-polymer 5-[(2-fluoro-4-iodophenyl)amino]-N-(2-hydroxyethoxy)imidazo[1,5-a]pyridine-6-carboxamide
#
loop_
_entity_poly.entity_id
_entity_poly.type
_entity_poly.pdbx_seq_one_letter_code
_entity_poly.pdbx_strand_id
1 'polypeptide(L)'
;MSYYHHHHHHHHDIPTTENLYFQGAMDMAALSGGGGGGAEPGQALFNGDMEPEAGAGAGAAASSAADPAIPEEVWNIKQM
IKLTQEHIEALLDKFGGEHNPPSIYLEAYEEYTSKLDALQQREQQLLESLGNGTDFSVSSSASMDTVTSSSSSSLSVLPS
SLSVFQNPTDVARSNPKSPQKPIVRVFLPNKQRTVVPARCGVTVRDSLKKALMMRGLIPECCAVYRIQDGEKKPIGWDTD
ISWLTGEELHVEVLENVPLTTHNFVRKTFFTLAFCDFCRKLLFQGFRCQTCGYKFHQRCSTEVPLMCVNYDQLDLLFVSK
FFEHHPIPQEEASLAETALTSGSSPSAPASDSIGPQILTSPSPSKSIPIPQPFRPADEDHRNQFGQRDRSS(SEP)APNV
HINTIEPVNIDDLIRDQGFRGDGGSTTGLSATPPASLPGSLTNVKALQKSPGPQRERKSSSSSEDRNRMKTLGRRDSSDD
WEIPDGQITVGQRIGSGSFGTVYKGKWHGDVAVKMLNVTAPTPQQLQAFKNEVGVLRKTRHVNILLFMGYSTKPQLAIVT
QWCEGSSLYHHLHIIETKFEMIKLIDIARQTAQGMDYLHAKSIIHRDLKSNNIFLHEDLTVKIGDFGLATVKSRWSGSHQ
FEQLSGSILWMAPEVIRMQDKNPYSFQSDVYAFGIVLYELMTGQLPYSNINNRDQIIFMVGRGYLSPDLSKVRSNCPKAM
KRLMAECLKKKRDERPLFPQILASIELLARSLPKIHRSA(SEP)EPSLNRAGFQTEDFSLYACASPKTPIQAGGYGAFPV
HGTSAWSHPQFEK
;
A
2 'polypeptide(L)'
;MGSSHHHHHHSAVDENLYFQGGMPKKKPTPIQLNPAPDGSAVNGTSSAETNLEALQKKLEELELDEQQRKRLEAFLTQKQ
KVGELKDDDFEKISELGAGNGGVVFKVSHKPSGLVMARKLIHLEIKPAIRNQIIRELQVLHECNSPYIVGFYGAFYSDGE
ISICMEHMDGGSLDQVLKKAGRIPEQILGKVSIAVIKGLTYLREKHKIMHRDVKPSNILVNSRGEIKLCDFGVSGQLIDA
MANAFVGTRSYMSPERLQGTHYSVQSDIWSMGLSLVEMAVGRYPIPPPDAKELELMFGCQVEGDAAETPPRPRTPGRPLS
SYGMDSRPPMAIFELLDYIVNEPPPKLPSGVFSLEFQDFVNKCLIKNPAERADLKQLMVHAFIKRSDAEEVDFAGWLCST
IGLNQPSTPTHAAGV
;
B
3 'polypeptide(L)'
;MSVDKEELVQRAKLAEQAERYDDMAAAMKEVTETGVELSNEERNLLSVAYKNVVGARRSSWRVISSIEQKTEGSERKQQM
AKEYRVKVEKELREICYDVLGLLDKHLIPKASNPESKVFYLKMKGDYYRYLAEVATGETRNSVVEDSQKAYQDAFEISKA
KMQPTHPIRLGLALNFSVFYYEILNSPDKACQLAKQAFDDAIAELDTLNEDSYKDSTLIMQLLRDNLTLWTSDTQGDGDE
PAEGGDN
;
C,D
#
loop_
_chem_comp.id
_chem_comp.type
_chem_comp.name
_chem_comp.formula
ADP non-polymer ADENOSINE-5'-DIPHOSPHATE 'C10 H15 N5 O10 P2'
AGS non-polymer 'PHOSPHOTHIOPHOSPHORIC ACID-ADENYLATE ESTER' 'C10 H16 N5 O12 P3 S'
LCJ non-polymer 5-[(2-fluoro-4-iodophenyl)amino]-N-(2-hydroxyethoxy)imidazo[1,5-a]pyridine-6-carboxamide 'C16 H14 F I N4 O3'
MG non-polymer 'MAGNESIUM ION' 'Mg 2'
ZN non-polymer 'ZINC ION' 'Zn 2'
#
# COMPACT_ATOMS: atom_id res chain seq x y z
N THR A 260 7.66 21.76 9.09
CA THR A 260 6.25 21.30 8.85
C THR A 260 5.62 22.06 7.67
N THR A 261 6.44 22.70 6.82
CA THR A 261 6.00 23.55 5.68
C THR A 261 6.48 22.92 4.37
N HIS A 262 5.60 22.79 3.39
CA HIS A 262 5.91 22.29 2.02
C HIS A 262 6.67 23.36 1.23
N ASN A 263 7.96 23.13 0.97
CA ASN A 263 8.77 23.89 -0.02
C ASN A 263 8.61 23.21 -1.38
N PHE A 264 8.18 23.96 -2.39
CA PHE A 264 7.86 23.45 -3.75
C PHE A 264 8.98 23.80 -4.72
N VAL A 265 9.06 23.05 -5.83
CA VAL A 265 10.04 23.26 -6.94
C VAL A 265 9.34 22.95 -8.27
N ARG A 266 9.56 23.79 -9.27
CA ARG A 266 9.24 23.52 -10.70
C ARG A 266 9.97 22.25 -11.13
N LYS A 267 9.24 21.18 -11.46
CA LYS A 267 9.87 19.91 -11.88
C LYS A 267 9.10 19.32 -13.06
N THR A 268 9.80 19.01 -14.16
CA THR A 268 9.18 18.43 -15.37
C THR A 268 9.38 16.91 -15.37
N PHE A 269 8.43 16.17 -14.80
CA PHE A 269 8.52 14.69 -14.72
C PHE A 269 8.84 14.12 -16.10
N PHE A 270 9.87 13.28 -16.17
CA PHE A 270 10.29 12.64 -17.45
C PHE A 270 9.67 11.24 -17.56
N THR A 271 9.33 10.65 -16.41
CA THR A 271 8.71 9.29 -16.37
C THR A 271 7.19 9.43 -16.30
N LEU A 272 6.50 8.37 -15.86
CA LEU A 272 5.02 8.40 -15.76
C LEU A 272 4.65 8.74 -14.30
N ALA A 273 3.82 9.76 -14.09
CA ALA A 273 3.43 10.28 -12.76
C ALA A 273 2.01 10.82 -12.83
N PHE A 274 1.26 10.69 -11.72
CA PHE A 274 -0.15 11.12 -11.59
C PHE A 274 -0.26 12.15 -10.45
N CYS A 275 -0.97 13.25 -10.72
CA CYS A 275 -1.29 14.32 -9.74
C CYS A 275 -2.05 13.71 -8.56
N ASP A 276 -1.78 14.19 -7.33
CA ASP A 276 -2.31 13.59 -6.07
C ASP A 276 -3.53 14.39 -5.58
N PHE A 277 -4.29 14.99 -6.51
CA PHE A 277 -5.71 15.38 -6.31
C PHE A 277 -6.57 14.86 -7.47
N CYS A 278 -6.20 15.21 -8.71
CA CYS A 278 -6.99 14.92 -9.94
C CYS A 278 -6.70 13.51 -10.46
N ARG A 279 -5.46 13.02 -10.28
CA ARG A 279 -5.02 11.65 -10.65
C ARG A 279 -5.21 11.41 -12.16
N LYS A 280 -4.76 12.38 -12.97
CA LYS A 280 -4.57 12.24 -14.44
C LYS A 280 -3.07 12.22 -14.70
N LEU A 281 -2.65 12.01 -15.96
CA LEU A 281 -1.21 11.93 -16.33
C LEU A 281 -0.59 13.32 -16.18
N LEU A 282 0.45 13.42 -15.32
CA LEU A 282 1.16 14.69 -15.05
C LEU A 282 2.40 14.79 -15.94
N PHE A 283 2.59 15.96 -16.55
CA PHE A 283 3.75 16.25 -17.45
C PHE A 283 4.69 17.25 -16.76
N GLN A 284 4.19 18.46 -16.48
CA GLN A 284 4.93 19.55 -15.79
C GLN A 284 4.06 20.12 -14.66
N GLY A 285 4.69 20.51 -13.55
CA GLY A 285 4.00 21.05 -12.36
C GLY A 285 4.96 21.22 -11.20
N PHE A 286 4.47 20.95 -9.98
CA PHE A 286 5.21 21.18 -8.71
C PHE A 286 5.44 19.87 -7.97
N ARG A 287 6.48 19.86 -7.14
CA ARG A 287 6.87 18.73 -6.26
C ARG A 287 7.38 19.28 -4.93
N CYS A 288 6.85 18.78 -3.82
CA CYS A 288 7.39 19.00 -2.45
C CYS A 288 8.70 18.21 -2.31
N GLN A 289 9.77 18.89 -1.90
CA GLN A 289 11.15 18.29 -1.79
C GLN A 289 11.31 17.57 -0.45
N THR A 290 10.25 17.53 0.39
CA THR A 290 10.18 16.73 1.63
C THR A 290 9.70 15.31 1.29
N CYS A 291 8.43 15.18 0.89
CA CYS A 291 7.72 13.90 0.66
C CYS A 291 7.93 13.44 -0.79
N GLY A 292 7.42 14.21 -1.74
CA GLY A 292 7.23 13.79 -3.15
C GLY A 292 5.75 13.80 -3.54
N TYR A 293 4.93 14.53 -2.78
CA TYR A 293 3.47 14.68 -3.08
C TYR A 293 3.33 15.61 -4.29
N LYS A 294 3.74 15.08 -5.45
CA LYS A 294 3.70 15.79 -6.75
C LYS A 294 2.24 16.09 -7.11
N PHE A 295 2.00 17.24 -7.74
CA PHE A 295 0.63 17.67 -8.11
C PHE A 295 0.67 18.68 -9.27
N HIS A 296 -0.50 18.94 -9.85
CA HIS A 296 -0.75 19.85 -10.99
C HIS A 296 -0.41 21.31 -10.61
N GLN A 297 -0.52 22.21 -11.60
CA GLN A 297 -0.61 23.67 -11.39
C GLN A 297 -2.06 24.12 -11.59
N ARG A 298 -2.84 23.37 -12.37
CA ARG A 298 -4.24 23.69 -12.75
C ARG A 298 -5.17 23.58 -11.52
N CYS A 299 -5.17 22.43 -10.83
CA CYS A 299 -6.00 22.17 -9.63
C CYS A 299 -5.17 22.35 -8.36
N SER A 300 -4.43 23.46 -8.27
CA SER A 300 -3.61 23.86 -7.08
C SER A 300 -4.49 24.52 -6.03
N THR A 301 -5.58 25.18 -6.46
CA THR A 301 -6.46 26.04 -5.63
C THR A 301 -7.60 25.21 -5.01
N GLU A 302 -7.57 23.87 -5.15
CA GLU A 302 -8.60 22.94 -4.61
C GLU A 302 -8.00 22.04 -3.52
N VAL A 303 -6.68 21.82 -3.53
CA VAL A 303 -5.99 20.81 -2.66
C VAL A 303 -5.02 21.55 -1.73
N PRO A 304 -5.08 21.28 -0.39
CA PRO A 304 -4.11 21.83 0.55
C PRO A 304 -2.82 21.01 0.65
N LEU A 305 -1.90 21.40 1.52
CA LEU A 305 -0.63 20.67 1.81
C LEU A 305 -0.97 19.40 2.60
N MET A 306 -0.35 18.27 2.25
CA MET A 306 -0.53 16.97 2.95
C MET A 306 0.76 16.13 2.81
N CYS A 307 1.53 16.04 3.89
CA CYS A 307 2.84 15.32 3.99
C CYS A 307 2.74 14.18 4.99
N VAL A 308 2.30 14.48 6.22
CA VAL A 308 2.20 13.53 7.37
C VAL A 308 1.10 12.50 7.06
N ARG A 387 -8.69 25.43 -21.01
CA ARG A 387 -7.75 26.11 -21.95
C ARG A 387 -6.39 25.41 -21.99
N ASP A 388 -6.08 24.53 -21.03
CA ASP A 388 -4.77 23.85 -20.89
C ASP A 388 -4.57 22.84 -22.03
N ARG A 389 -3.31 22.45 -22.26
CA ARG A 389 -2.90 21.51 -23.34
C ARG A 389 -3.39 20.10 -22.97
N SER A 390 -4.34 19.57 -23.74
CA SER A 390 -4.86 18.18 -23.61
C SER A 390 -3.70 17.20 -23.89
N SER A 391 -3.72 16.06 -23.20
CA SER A 391 -2.63 15.04 -23.19
C SER A 391 -2.47 14.41 -24.59
N SEP A 392 -1.32 13.75 -24.80
CA SEP A 392 -0.99 12.95 -26.02
CB SEP A 392 -0.01 13.72 -26.88
OG SEP A 392 1.21 13.92 -26.13
C SEP A 392 -0.47 11.58 -25.60
O SEP A 392 -0.56 11.26 -24.39
P SEP A 392 2.39 14.79 -26.80
O1P SEP A 392 3.39 15.04 -25.69
O2P SEP A 392 2.95 13.94 -27.92
O3P SEP A 392 1.73 16.07 -27.30
N ALA A 393 0.06 10.80 -26.54
CA ALA A 393 0.64 9.45 -26.30
C ALA A 393 1.82 9.57 -25.33
N PRO A 394 1.77 8.92 -24.14
CA PRO A 394 2.94 8.84 -23.26
C PRO A 394 4.00 7.90 -23.84
N ASN A 395 5.08 7.67 -23.10
CA ASN A 395 6.19 6.76 -23.49
C ASN A 395 5.75 5.31 -23.26
N VAL A 396 6.49 4.35 -23.85
CA VAL A 396 6.12 2.91 -23.92
C VAL A 396 7.18 2.07 -23.19
N HIS A 397 6.83 1.52 -22.03
CA HIS A 397 7.60 0.45 -21.31
C HIS A 397 6.62 -0.42 -20.52
N ASP A 476 -17.78 -25.67 -21.56
CA ASP A 476 -17.68 -26.71 -20.50
C ASP A 476 -16.24 -26.79 -19.99
N TRP A 477 -15.93 -26.07 -18.91
CA TRP A 477 -14.63 -26.12 -18.20
C TRP A 477 -14.76 -26.99 -16.94
N GLU A 478 -15.57 -28.06 -17.02
CA GLU A 478 -15.86 -29.00 -15.90
C GLU A 478 -14.98 -30.23 -16.06
N ILE A 479 -14.17 -30.55 -15.05
CA ILE A 479 -13.33 -31.79 -14.98
C ILE A 479 -14.21 -32.93 -14.46
N PRO A 480 -14.26 -34.08 -15.16
CA PRO A 480 -15.06 -35.22 -14.70
C PRO A 480 -14.34 -36.07 -13.65
N ASP A 481 -14.99 -37.14 -13.18
CA ASP A 481 -14.47 -38.07 -12.14
C ASP A 481 -13.43 -39.00 -12.78
N GLY A 482 -12.47 -39.48 -11.97
CA GLY A 482 -11.44 -40.46 -12.37
C GLY A 482 -10.20 -39.79 -12.95
N GLN A 483 -10.05 -38.47 -12.76
CA GLN A 483 -8.93 -37.67 -13.34
C GLN A 483 -8.13 -36.97 -12.22
N ILE A 484 -8.77 -36.51 -11.14
CA ILE A 484 -8.11 -35.74 -10.05
C ILE A 484 -7.80 -36.70 -8.88
N THR A 485 -6.55 -37.15 -8.77
CA THR A 485 -6.01 -37.92 -7.63
C THR A 485 -5.89 -36.98 -6.42
N VAL A 486 -6.97 -36.84 -5.65
CA VAL A 486 -7.02 -36.03 -4.39
C VAL A 486 -6.03 -36.64 -3.40
N GLY A 487 -4.98 -35.88 -3.03
CA GLY A 487 -3.89 -36.35 -2.16
C GLY A 487 -4.13 -35.99 -0.70
N GLN A 488 -3.16 -35.32 -0.08
CA GLN A 488 -3.15 -35.01 1.39
C GLN A 488 -3.98 -33.77 1.65
N ARG A 489 -4.76 -33.78 2.75
CA ARG A 489 -5.49 -32.59 3.27
C ARG A 489 -4.46 -31.54 3.70
N ILE A 490 -4.56 -30.33 3.15
CA ILE A 490 -3.60 -29.21 3.40
C ILE A 490 -4.18 -28.30 4.49
N GLY A 491 -5.38 -27.74 4.27
CA GLY A 491 -6.06 -26.86 5.24
C GLY A 491 -7.38 -26.32 4.72
N SER A 492 -8.30 -26.00 5.63
CA SER A 492 -9.64 -25.41 5.35
C SER A 492 -9.54 -23.88 5.27
N GLY A 493 -10.45 -23.26 4.53
CA GLY A 493 -10.52 -21.79 4.33
C GLY A 493 -11.80 -21.21 4.89
N SER A 494 -12.32 -20.15 4.27
CA SER A 494 -13.56 -19.43 4.67
C SER A 494 -14.74 -19.85 3.77
N PHE A 495 -14.50 -20.67 2.74
CA PHE A 495 -15.55 -21.18 1.82
C PHE A 495 -15.18 -22.56 1.25
N GLY A 496 -14.15 -23.24 1.77
CA GLY A 496 -13.70 -24.55 1.26
C GLY A 496 -12.36 -24.98 1.80
N THR A 497 -12.03 -26.27 1.67
CA THR A 497 -10.77 -26.91 2.15
C THR A 497 -9.89 -27.28 0.96
N VAL A 498 -8.56 -27.19 1.12
CA VAL A 498 -7.54 -27.46 0.06
C VAL A 498 -6.93 -28.84 0.28
N TYR A 499 -6.85 -29.62 -0.80
CA TYR A 499 -6.08 -30.89 -0.91
C TYR A 499 -5.11 -30.77 -2.10
N LYS A 500 -3.88 -31.26 -1.95
CA LYS A 500 -2.90 -31.35 -3.06
C LYS A 500 -3.31 -32.51 -3.97
N GLY A 501 -3.96 -32.20 -5.09
CA GLY A 501 -4.39 -33.20 -6.10
C GLY A 501 -3.40 -33.30 -7.25
N LYS A 502 -3.41 -34.43 -7.96
CA LYS A 502 -2.65 -34.66 -9.22
C LYS A 502 -3.63 -34.56 -10.40
N TRP A 503 -3.28 -33.76 -11.42
CA TRP A 503 -4.09 -33.55 -12.64
C TRP A 503 -3.21 -32.95 -13.74
N HIS A 504 -2.53 -33.82 -14.51
CA HIS A 504 -1.48 -33.46 -15.51
C HIS A 504 -0.40 -32.63 -14.80
N GLY A 505 0.10 -33.15 -13.68
CA GLY A 505 1.00 -32.44 -12.74
C GLY A 505 0.28 -32.11 -11.45
N ASP A 506 1.00 -31.51 -10.49
CA ASP A 506 0.46 -31.13 -9.15
C ASP A 506 -0.51 -29.95 -9.30
N VAL A 507 -1.73 -30.09 -8.77
CA VAL A 507 -2.76 -29.00 -8.71
C VAL A 507 -3.23 -28.85 -7.26
N ALA A 508 -3.97 -27.79 -6.97
CA ALA A 508 -4.59 -27.50 -5.65
C ALA A 508 -6.11 -27.59 -5.77
N VAL A 509 -6.70 -28.64 -5.18
CA VAL A 509 -8.18 -28.84 -5.22
C VAL A 509 -8.80 -28.06 -4.05
N LYS A 510 -10.05 -27.58 -4.22
CA LYS A 510 -10.74 -26.82 -3.16
C LYS A 510 -12.21 -27.23 -3.10
N MET A 511 -12.58 -28.00 -2.06
CA MET A 511 -13.98 -28.45 -1.88
C MET A 511 -14.79 -27.30 -1.29
N LEU A 512 -15.32 -26.43 -2.15
CA LEU A 512 -16.11 -25.24 -1.75
C LEU A 512 -17.15 -25.61 -0.68
N ASN A 513 -17.17 -24.88 0.43
CA ASN A 513 -18.10 -25.10 1.53
C ASN A 513 -19.53 -25.27 1.01
N VAL A 514 -19.89 -24.62 -0.10
CA VAL A 514 -21.19 -24.81 -0.72
C VAL A 514 -21.18 -26.17 -1.41
N THR A 515 -21.80 -27.17 -0.77
CA THR A 515 -21.89 -28.52 -1.32
C THR A 515 -23.21 -28.75 -2.06
N ALA A 516 -24.27 -28.04 -1.66
CA ALA A 516 -25.59 -28.17 -2.31
C ALA A 516 -25.99 -26.86 -2.97
N PRO A 517 -25.46 -26.52 -4.17
CA PRO A 517 -25.79 -25.27 -4.86
C PRO A 517 -27.08 -25.43 -5.69
N THR A 518 -27.94 -24.41 -5.67
CA THR A 518 -29.21 -24.45 -6.44
C THR A 518 -28.92 -24.23 -7.93
N PRO A 519 -29.75 -24.76 -8.86
CA PRO A 519 -29.51 -24.58 -10.30
C PRO A 519 -29.32 -23.11 -10.65
N GLN A 520 -29.60 -22.22 -9.69
CA GLN A 520 -29.46 -20.75 -9.89
C GLN A 520 -28.06 -20.30 -9.47
N GLN A 521 -27.57 -20.78 -8.31
CA GLN A 521 -26.20 -20.53 -7.80
C GLN A 521 -25.18 -21.22 -8.71
N LEU A 522 -25.47 -22.48 -9.09
CA LEU A 522 -24.60 -23.34 -9.95
C LEU A 522 -24.33 -22.63 -11.29
N GLN A 523 -25.36 -22.02 -11.89
CA GLN A 523 -25.27 -21.30 -13.19
C GLN A 523 -24.32 -20.10 -13.05
N ALA A 524 -24.48 -19.32 -11.99
CA ALA A 524 -23.69 -18.09 -11.69
C ALA A 524 -22.21 -18.47 -11.47
N PHE A 525 -21.96 -19.62 -10.83
CA PHE A 525 -20.61 -20.17 -10.59
C PHE A 525 -19.94 -20.47 -11.94
N LYS A 526 -20.65 -21.19 -12.83
CA LYS A 526 -20.18 -21.56 -14.19
C LYS A 526 -19.90 -20.29 -15.00
N ASN A 527 -20.66 -19.22 -14.76
CA ASN A 527 -20.48 -17.89 -15.43
C ASN A 527 -19.22 -17.22 -14.90
N GLU A 528 -19.01 -17.23 -13.58
CA GLU A 528 -17.84 -16.64 -12.89
C GLU A 528 -16.56 -17.35 -13.37
N VAL A 529 -16.58 -18.69 -13.37
CA VAL A 529 -15.44 -19.55 -13.81
C VAL A 529 -15.05 -19.16 -15.24
N GLY A 530 -16.04 -18.84 -16.08
CA GLY A 530 -15.85 -18.35 -17.46
C GLY A 530 -14.83 -17.22 -17.53
N VAL A 531 -14.95 -16.22 -16.63
CA VAL A 531 -14.06 -15.02 -16.57
C VAL A 531 -12.71 -15.42 -15.98
N LEU A 532 -12.71 -16.19 -14.87
CA LEU A 532 -11.48 -16.61 -14.13
C LEU A 532 -10.60 -17.49 -15.02
N ARG A 533 -11.21 -18.28 -15.93
CA ARG A 533 -10.50 -19.17 -16.89
C ARG A 533 -9.86 -18.34 -18.01
N LYS A 534 -10.32 -17.10 -18.23
CA LYS A 534 -9.80 -16.16 -19.26
C LYS A 534 -8.82 -15.16 -18.61
N THR A 535 -8.05 -15.60 -17.61
CA THR A 535 -7.05 -14.77 -16.89
C THR A 535 -5.67 -15.44 -17.04
N ARG A 536 -4.69 -14.70 -17.56
CA ARG A 536 -3.29 -15.19 -17.75
C ARG A 536 -2.32 -14.05 -17.49
N HIS A 537 -1.79 -13.98 -16.26
CA HIS A 537 -0.77 -13.00 -15.81
C HIS A 537 0.30 -13.73 -14.98
N VAL A 538 1.55 -13.25 -15.06
CA VAL A 538 2.73 -13.83 -14.34
C VAL A 538 2.50 -13.79 -12.83
N ASN A 539 1.71 -12.84 -12.33
CA ASN A 539 1.48 -12.59 -10.89
C ASN A 539 0.10 -13.08 -10.47
N ILE A 540 -0.55 -13.93 -11.28
CA ILE A 540 -1.89 -14.54 -10.98
C ILE A 540 -1.75 -16.06 -11.03
N LEU A 541 -2.26 -16.75 -10.01
CA LEU A 541 -2.38 -18.23 -9.97
C LEU A 541 -3.33 -18.68 -11.07
N LEU A 542 -2.92 -19.67 -11.88
CA LEU A 542 -3.72 -20.20 -13.01
C LEU A 542 -4.97 -20.90 -12.46
N PHE A 543 -6.12 -20.63 -13.06
CA PHE A 543 -7.44 -21.21 -12.73
C PHE A 543 -7.80 -22.27 -13.80
N MET A 544 -7.68 -23.56 -13.44
CA MET A 544 -7.78 -24.70 -14.38
C MET A 544 -9.16 -25.36 -14.30
N GLY A 545 -10.20 -24.56 -14.03
CA GLY A 545 -11.62 -25.00 -14.03
C GLY A 545 -12.07 -25.49 -12.66
N TYR A 546 -13.02 -26.45 -12.64
CA TYR A 546 -13.55 -27.02 -11.38
C TYR A 546 -14.08 -28.41 -11.70
N SER A 547 -14.92 -28.96 -10.81
CA SER A 547 -15.41 -30.35 -10.93
C SER A 547 -16.80 -30.48 -10.30
N THR A 548 -17.81 -30.97 -11.03
CA THR A 548 -19.18 -31.00 -10.45
C THR A 548 -19.62 -32.39 -9.96
N LYS A 549 -19.04 -33.46 -10.50
CA LYS A 549 -19.38 -34.85 -10.06
C LYS A 549 -19.17 -34.95 -8.55
N PRO A 550 -17.92 -34.83 -8.04
CA PRO A 550 -17.65 -34.88 -6.60
C PRO A 550 -17.83 -33.47 -5.99
N GLN A 551 -19.09 -32.98 -5.95
CA GLN A 551 -19.45 -31.65 -5.41
C GLN A 551 -18.69 -30.53 -6.13
N LEU A 552 -18.34 -29.47 -5.40
CA LEU A 552 -17.59 -28.31 -5.97
C LEU A 552 -16.14 -28.40 -5.49
N ALA A 553 -15.19 -28.12 -6.40
CA ALA A 553 -13.75 -28.20 -6.05
C ALA A 553 -12.91 -27.40 -7.07
N ILE A 554 -12.69 -26.12 -6.78
CA ILE A 554 -11.86 -25.26 -7.63
C ILE A 554 -10.48 -25.88 -7.72
N VAL A 555 -9.93 -25.95 -8.94
CA VAL A 555 -8.58 -26.52 -9.19
C VAL A 555 -7.65 -25.39 -9.68
N THR A 556 -6.71 -24.97 -8.83
CA THR A 556 -5.76 -23.88 -9.19
C THR A 556 -4.34 -24.44 -9.28
N GLN A 557 -3.41 -23.67 -9.86
CA GLN A 557 -2.00 -24.11 -10.01
C GLN A 557 -1.40 -24.37 -8.62
N TRP A 558 -0.77 -25.54 -8.44
CA TRP A 558 -0.17 -25.91 -7.13
C TRP A 558 1.08 -25.04 -6.88
N CYS A 559 1.12 -24.36 -5.73
CA CYS A 559 2.27 -23.49 -5.36
C CYS A 559 3.27 -24.26 -4.49
N GLU A 560 4.53 -24.36 -4.93
CA GLU A 560 5.68 -24.83 -4.13
C GLU A 560 6.21 -23.63 -3.33
N GLY A 561 7.23 -23.83 -2.50
CA GLY A 561 7.73 -22.81 -1.55
C GLY A 561 6.77 -22.64 -0.39
N SER A 562 6.26 -21.43 -0.15
CA SER A 562 5.30 -21.12 0.94
C SER A 562 4.63 -19.75 0.74
N SER A 563 3.53 -19.53 1.47
CA SER A 563 2.69 -18.30 1.46
C SER A 563 3.47 -17.12 2.07
N LEU A 564 3.02 -15.89 1.82
CA LEU A 564 3.64 -14.65 2.37
C LEU A 564 3.38 -14.57 3.87
N TYR A 565 2.17 -14.94 4.31
CA TYR A 565 1.76 -15.00 5.73
C TYR A 565 2.72 -15.92 6.50
N HIS A 566 3.09 -17.05 5.88
CA HIS A 566 4.01 -18.07 6.47
C HIS A 566 5.40 -17.46 6.66
N HIS A 567 5.89 -16.71 5.67
CA HIS A 567 7.28 -16.17 5.65
C HIS A 567 7.42 -14.92 6.53
N LEU A 568 6.31 -14.26 6.91
CA LEU A 568 6.32 -12.95 7.60
C LEU A 568 5.90 -13.08 9.07
N HIS A 569 5.06 -14.06 9.45
CA HIS A 569 4.56 -14.22 10.83
C HIS A 569 4.80 -15.63 11.40
N ILE A 570 5.35 -16.58 10.62
CA ILE A 570 5.66 -17.95 11.10
C ILE A 570 7.16 -18.03 11.43
N ILE A 571 8.03 -17.99 10.41
CA ILE A 571 9.51 -18.03 10.57
C ILE A 571 10.02 -16.60 10.89
N GLU A 572 9.23 -15.58 10.57
CA GLU A 572 9.52 -14.15 10.83
C GLU A 572 10.89 -13.77 10.22
N THR A 573 11.19 -14.31 9.03
CA THR A 573 12.43 -14.02 8.27
C THR A 573 12.22 -12.75 7.45
N LYS A 574 12.54 -11.59 8.05
CA LYS A 574 12.50 -10.27 7.37
C LYS A 574 13.56 -10.28 6.25
N PHE A 575 13.25 -9.64 5.12
CA PHE A 575 14.14 -9.53 3.93
C PHE A 575 14.47 -8.05 3.71
N GLU A 576 15.56 -7.79 2.98
CA GLU A 576 16.06 -6.42 2.67
C GLU A 576 14.93 -5.64 1.98
N MET A 577 14.78 -4.37 2.34
CA MET A 577 13.71 -3.45 1.84
C MET A 577 13.58 -3.54 0.31
N ILE A 578 14.69 -3.84 -0.38
CA ILE A 578 14.75 -4.03 -1.86
C ILE A 578 13.82 -5.19 -2.24
N LYS A 579 13.98 -6.34 -1.59
CA LYS A 579 13.18 -7.58 -1.82
C LYS A 579 11.75 -7.37 -1.31
N LEU A 580 11.59 -6.61 -0.23
CA LEU A 580 10.28 -6.32 0.42
C LEU A 580 9.41 -5.47 -0.53
N ILE A 581 9.99 -4.40 -1.08
CA ILE A 581 9.34 -3.47 -2.06
C ILE A 581 8.98 -4.24 -3.33
N ASP A 582 9.87 -5.13 -3.78
CA ASP A 582 9.70 -5.95 -5.02
C ASP A 582 8.43 -6.79 -4.91
N ILE A 583 8.19 -7.42 -3.76
CA ILE A 583 6.98 -8.26 -3.48
C ILE A 583 5.74 -7.36 -3.59
N ALA A 584 5.80 -6.15 -3.03
CA ALA A 584 4.71 -5.15 -3.06
C ALA A 584 4.46 -4.66 -4.49
N ARG A 585 5.52 -4.56 -5.31
CA ARG A 585 5.43 -4.14 -6.74
C ARG A 585 4.70 -5.20 -7.55
N GLN A 586 5.11 -6.46 -7.42
CA GLN A 586 4.56 -7.61 -8.20
C GLN A 586 3.11 -7.87 -7.81
N THR A 587 2.75 -7.64 -6.54
CA THR A 587 1.36 -7.78 -6.03
C THR A 587 0.47 -6.76 -6.75
N ALA A 588 0.86 -5.48 -6.73
CA ALA A 588 0.17 -4.37 -7.42
C ALA A 588 0.08 -4.66 -8.92
N GLN A 589 1.09 -5.34 -9.49
CA GLN A 589 1.16 -5.72 -10.93
C GLN A 589 0.03 -6.70 -11.26
N GLY A 590 -0.09 -7.78 -10.47
CA GLY A 590 -1.14 -8.81 -10.61
C GLY A 590 -2.51 -8.26 -10.27
N MET A 591 -2.61 -7.41 -9.24
CA MET A 591 -3.87 -6.77 -8.78
C MET A 591 -4.38 -5.80 -9.84
N ASP A 592 -3.49 -5.03 -10.47
CA ASP A 592 -3.81 -4.05 -11.55
C ASP A 592 -4.41 -4.80 -12.74
N TYR A 593 -3.90 -5.99 -13.05
CA TYR A 593 -4.40 -6.88 -14.14
C TYR A 593 -5.85 -7.29 -13.87
N LEU A 594 -6.15 -7.68 -12.63
CA LEU A 594 -7.50 -8.14 -12.20
C LEU A 594 -8.50 -6.99 -12.34
N HIS A 595 -8.13 -5.78 -11.90
CA HIS A 595 -8.97 -4.56 -11.99
C HIS A 595 -9.07 -4.07 -13.43
N ALA A 596 -8.05 -4.33 -14.25
CA ALA A 596 -8.04 -4.04 -15.71
C ALA A 596 -9.09 -4.91 -16.41
N LYS A 597 -9.29 -6.14 -15.94
CA LYS A 597 -10.32 -7.09 -16.44
C LYS A 597 -11.58 -7.01 -15.57
N SER A 598 -11.66 -5.99 -14.69
CA SER A 598 -12.84 -5.69 -13.82
C SER A 598 -13.17 -6.90 -12.95
N ILE A 599 -12.18 -7.44 -12.23
CA ILE A 599 -12.33 -8.58 -11.28
C ILE A 599 -11.96 -8.09 -9.88
N ILE A 600 -12.94 -8.07 -8.98
CA ILE A 600 -12.76 -7.79 -7.52
C ILE A 600 -12.20 -9.05 -6.86
N HIS A 601 -11.11 -8.93 -6.10
CA HIS A 601 -10.42 -10.06 -5.44
C HIS A 601 -11.26 -10.54 -4.24
N ARG A 602 -11.79 -9.60 -3.46
CA ARG A 602 -12.73 -9.84 -2.32
C ARG A 602 -12.04 -10.59 -1.17
N ASP A 603 -10.75 -10.90 -1.31
CA ASP A 603 -10.00 -11.78 -0.38
C ASP A 603 -8.50 -11.49 -0.27
N LEU A 604 -8.02 -10.37 -0.82
CA LEU A 604 -6.57 -10.09 -0.90
C LEU A 604 -6.00 -10.06 0.53
N LYS A 605 -5.02 -10.90 0.79
CA LYS A 605 -4.33 -11.04 2.10
C LYS A 605 -3.04 -11.84 1.89
N SER A 606 -2.10 -11.75 2.82
CA SER A 606 -0.77 -12.43 2.76
C SER A 606 -0.96 -13.96 2.68
N ASN A 607 -2.09 -14.48 3.15
CA ASN A 607 -2.43 -15.93 3.10
C ASN A 607 -2.67 -16.36 1.65
N ASN A 608 -3.18 -15.45 0.81
CA ASN A 608 -3.55 -15.71 -0.61
C ASN A 608 -2.47 -15.15 -1.55
N ILE A 609 -1.25 -14.94 -1.04
CA ILE A 609 -0.06 -14.53 -1.84
C ILE A 609 1.07 -15.54 -1.55
N PHE A 610 1.56 -16.21 -2.59
CA PHE A 610 2.67 -17.21 -2.55
C PHE A 610 3.90 -16.65 -3.27
N LEU A 611 5.09 -17.04 -2.82
CA LEU A 611 6.39 -16.68 -3.45
C LEU A 611 6.91 -17.89 -4.21
N HIS A 612 6.62 -17.95 -5.52
CA HIS A 612 6.92 -19.09 -6.43
C HIS A 612 8.44 -19.25 -6.56
N GLU A 613 8.99 -20.32 -5.97
CA GLU A 613 10.44 -20.64 -5.97
C GLU A 613 11.23 -19.47 -5.37
N ASP A 614 10.58 -18.72 -4.46
CA ASP A 614 11.18 -17.53 -3.81
C ASP A 614 11.39 -16.24 -4.61
N LEU A 615 10.63 -16.03 -5.69
CA LEU A 615 10.84 -14.80 -6.51
C LEU A 615 9.51 -14.24 -7.01
N THR A 616 8.83 -14.98 -7.89
CA THR A 616 7.56 -14.52 -8.52
C THR A 616 6.39 -14.55 -7.54
N VAL A 617 5.73 -13.40 -7.35
CA VAL A 617 4.51 -13.28 -6.50
C VAL A 617 3.33 -13.89 -7.27
N LYS A 618 2.56 -14.77 -6.62
CA LYS A 618 1.36 -15.43 -7.21
C LYS A 618 0.15 -15.18 -6.31
N ILE A 619 -0.80 -14.36 -6.80
CA ILE A 619 -2.06 -14.01 -6.10
C ILE A 619 -3.11 -15.09 -6.42
N GLY A 620 -3.75 -15.66 -5.39
CA GLY A 620 -4.74 -16.74 -5.51
C GLY A 620 -6.00 -16.44 -4.72
N ASP A 621 -7.03 -17.27 -4.90
CA ASP A 621 -8.35 -17.17 -4.19
C ASP A 621 -8.96 -15.79 -4.48
N PHE A 622 -8.98 -15.38 -5.75
CA PHE A 622 -9.55 -14.09 -6.23
C PHE A 622 -10.90 -14.37 -6.90
N GLY A 623 -11.78 -13.34 -6.91
CA GLY A 623 -13.14 -13.42 -7.45
C GLY A 623 -13.98 -14.41 -6.66
N LEU A 624 -14.63 -15.35 -7.36
CA LEU A 624 -15.44 -16.45 -6.77
C LEU A 624 -16.41 -15.88 -5.72
N ALA A 625 -17.15 -14.81 -6.07
CA ALA A 625 -18.11 -14.11 -5.20
C ALA A 625 -19.34 -14.99 -4.93
N THR A 626 -19.65 -15.91 -5.86
CA THR A 626 -20.91 -16.70 -5.89
C THR A 626 -20.78 -17.97 -5.03
N VAL A 627 -19.57 -18.43 -4.73
CA VAL A 627 -19.30 -19.63 -3.88
C VAL A 627 -19.09 -19.20 -2.43
N LYS A 628 -18.88 -17.90 -2.19
CA LYS A 628 -18.94 -17.28 -0.84
C LYS A 628 -20.37 -16.75 -0.63
N SER A 629 -20.83 -16.70 0.63
CA SER A 629 -22.19 -16.28 1.03
C SER A 629 -23.37 -17.09 0.49
N ARG A 630 -23.50 -18.34 0.95
CA ARG A 630 -24.46 -19.36 0.42
C ARG A 630 -25.79 -18.67 0.09
N TRP A 631 -26.37 -19.01 -1.07
CA TRP A 631 -27.65 -18.41 -1.52
C TRP A 631 -28.83 -19.16 -0.91
N SER A 632 -30.03 -18.58 -0.98
CA SER A 632 -31.26 -19.21 -0.44
C SER A 632 -32.25 -19.48 -1.58
N GLY A 633 -31.83 -19.10 -2.79
CA GLY A 633 -32.59 -19.22 -4.04
C GLY A 633 -31.89 -18.49 -5.17
N SER A 634 -32.29 -17.23 -5.43
CA SER A 634 -31.67 -16.42 -6.52
C SER A 634 -30.88 -15.23 -5.96
N HIS A 635 -30.63 -15.18 -4.64
CA HIS A 635 -29.91 -14.04 -4.03
C HIS A 635 -28.52 -14.46 -3.53
N GLN A 636 -27.68 -13.47 -3.17
CA GLN A 636 -26.31 -13.74 -2.65
C GLN A 636 -25.82 -12.67 -1.65
N PHE A 637 -26.69 -12.25 -0.72
CA PHE A 637 -26.34 -11.30 0.37
C PHE A 637 -25.03 -11.87 0.94
N GLU A 638 -23.94 -11.10 0.82
CA GLU A 638 -22.60 -11.55 1.28
C GLU A 638 -22.70 -11.56 2.80
N GLN A 639 -22.96 -12.74 3.40
CA GLN A 639 -22.87 -12.91 4.87
C GLN A 639 -21.39 -12.84 5.25
N LEU A 640 -20.97 -11.75 5.90
CA LEU A 640 -19.53 -11.56 6.24
C LEU A 640 -19.02 -12.78 7.01
N SER A 641 -17.88 -13.34 6.59
CA SER A 641 -17.23 -14.52 7.20
C SER A 641 -15.76 -14.60 6.74
N GLY A 642 -14.96 -15.44 7.40
CA GLY A 642 -13.52 -15.61 7.15
C GLY A 642 -12.65 -14.83 8.12
N SER A 643 -11.97 -13.77 7.63
CA SER A 643 -10.99 -12.93 8.37
C SER A 643 -11.24 -11.45 8.07
N ILE A 644 -11.01 -10.57 9.05
CA ILE A 644 -11.41 -9.13 9.02
C ILE A 644 -10.21 -8.19 9.11
N LEU A 645 -8.98 -8.70 9.30
CA LEU A 645 -7.76 -7.86 9.42
C LEU A 645 -7.53 -7.09 8.11
N TRP A 646 -8.00 -7.61 6.98
CA TRP A 646 -7.82 -7.03 5.62
C TRP A 646 -9.11 -6.35 5.11
N MET A 647 -10.26 -6.63 5.74
CA MET A 647 -11.58 -6.10 5.31
C MET A 647 -11.62 -4.58 5.51
N ALA A 648 -12.05 -3.84 4.48
CA ALA A 648 -12.28 -2.38 4.51
C ALA A 648 -13.45 -2.06 5.43
N PRO A 649 -13.48 -0.89 6.10
CA PRO A 649 -14.58 -0.52 6.99
C PRO A 649 -15.97 -0.59 6.33
N GLU A 650 -16.06 -0.24 5.04
CA GLU A 650 -17.31 -0.33 4.22
C GLU A 650 -17.71 -1.81 4.08
N VAL A 651 -16.73 -2.71 3.95
CA VAL A 651 -16.92 -4.18 3.83
C VAL A 651 -17.39 -4.75 5.17
N ILE A 652 -16.83 -4.26 6.29
CA ILE A 652 -17.19 -4.68 7.67
C ILE A 652 -18.68 -4.43 7.90
N ARG A 653 -19.15 -3.23 7.59
CA ARG A 653 -20.54 -2.76 7.83
C ARG A 653 -21.54 -3.66 7.08
N MET A 654 -21.22 -3.98 5.82
CA MET A 654 -22.07 -4.78 4.89
C MET A 654 -23.37 -4.03 4.63
N GLN A 655 -23.51 -2.82 5.22
CA GLN A 655 -24.71 -1.96 5.05
C GLN A 655 -24.82 -1.53 3.58
N ASP A 656 -23.69 -1.33 2.90
CA ASP A 656 -23.74 -1.02 1.45
C ASP A 656 -24.30 -2.25 0.72
N LYS A 657 -25.06 -2.03 -0.36
CA LYS A 657 -25.60 -3.13 -1.20
C LYS A 657 -24.42 -4.03 -1.60
N ASN A 658 -23.31 -3.42 -2.02
CA ASN A 658 -22.07 -4.16 -2.35
C ASN A 658 -20.89 -3.48 -1.63
N PRO A 659 -20.20 -4.16 -0.68
CA PRO A 659 -19.04 -3.58 0.01
C PRO A 659 -17.70 -3.93 -0.66
N TYR A 660 -17.75 -4.91 -1.57
CA TYR A 660 -16.57 -5.46 -2.30
C TYR A 660 -16.38 -4.74 -3.64
N SER A 661 -15.67 -3.61 -3.58
CA SER A 661 -15.28 -2.77 -4.74
C SER A 661 -13.77 -2.88 -4.96
N PHE A 662 -13.22 -2.08 -5.89
CA PHE A 662 -11.75 -1.97 -6.13
C PHE A 662 -11.08 -1.36 -4.90
N GLN A 663 -11.72 -0.35 -4.30
CA GLN A 663 -11.20 0.40 -3.14
C GLN A 663 -11.17 -0.51 -1.91
N SER A 664 -12.15 -1.41 -1.77
CA SER A 664 -12.20 -2.46 -0.72
C SER A 664 -10.99 -3.39 -0.87
N ASP A 665 -10.57 -3.64 -2.10
CA ASP A 665 -9.39 -4.47 -2.48
C ASP A 665 -8.12 -3.65 -2.25
N VAL A 666 -8.16 -2.35 -2.58
CA VAL A 666 -7.03 -1.39 -2.40
C VAL A 666 -6.72 -1.25 -0.90
N TYR A 667 -7.75 -1.18 -0.05
CA TYR A 667 -7.61 -1.14 1.43
C TYR A 667 -6.90 -2.41 1.90
N ALA A 668 -7.43 -3.57 1.49
CA ALA A 668 -6.88 -4.92 1.79
C ALA A 668 -5.40 -4.97 1.37
N PHE A 669 -5.07 -4.38 0.21
CA PHE A 669 -3.68 -4.24 -0.30
C PHE A 669 -2.84 -3.41 0.68
N GLY A 670 -3.41 -2.29 1.16
CA GLY A 670 -2.77 -1.38 2.14
C GLY A 670 -2.43 -2.09 3.45
N ILE A 671 -3.23 -3.09 3.84
CA ILE A 671 -3.00 -3.94 5.05
C ILE A 671 -1.82 -4.88 4.78
N VAL A 672 -1.69 -5.37 3.53
CA VAL A 672 -0.57 -6.26 3.10
C VAL A 672 0.73 -5.43 3.15
N LEU A 673 0.68 -4.17 2.67
CA LEU A 673 1.82 -3.21 2.75
C LEU A 673 2.27 -3.07 4.21
N TYR A 674 1.32 -2.88 5.13
CA TYR A 674 1.58 -2.76 6.59
C TYR A 674 2.28 -4.02 7.11
N GLU A 675 1.79 -5.19 6.71
CA GLU A 675 2.31 -6.52 7.14
C GLU A 675 3.77 -6.65 6.72
N LEU A 676 4.08 -6.42 5.44
CA LEU A 676 5.44 -6.52 4.87
C LEU A 676 6.35 -5.44 5.51
N MET A 677 5.82 -4.23 5.74
CA MET A 677 6.60 -3.05 6.18
C MET A 677 7.07 -3.21 7.63
N THR A 678 6.19 -3.65 8.54
CA THR A 678 6.43 -3.68 10.01
C THR A 678 6.74 -5.10 10.49
N GLY A 679 6.39 -6.13 9.70
CA GLY A 679 6.61 -7.55 10.04
C GLY A 679 5.57 -8.09 11.01
N GLN A 680 4.64 -7.25 11.46
CA GLN A 680 3.54 -7.60 12.40
C GLN A 680 2.18 -7.36 11.72
N LEU A 681 1.18 -8.14 12.11
CA LEU A 681 -0.22 -8.03 11.60
C LEU A 681 -0.86 -6.86 12.33
N PRO A 682 -1.75 -6.06 11.68
CA PRO A 682 -2.32 -4.87 12.32
C PRO A 682 -3.09 -5.16 13.61
N TYR A 683 -3.16 -4.17 14.51
CA TYR A 683 -3.76 -4.26 15.88
C TYR A 683 -3.22 -5.40 16.76
N SER A 684 -1.94 -5.33 17.12
CA SER A 684 -1.21 -6.37 17.90
C SER A 684 -1.30 -6.07 19.40
N ASN A 685 -2.37 -5.39 19.84
CA ASN A 685 -2.59 -4.98 21.25
C ASN A 685 -4.05 -5.25 21.67
N ILE A 686 -4.77 -6.11 20.93
CA ILE A 686 -6.19 -6.49 21.22
C ILE A 686 -6.29 -8.02 21.26
N ASN A 687 -6.92 -8.55 22.32
CA ASN A 687 -7.11 -10.01 22.56
C ASN A 687 -8.56 -10.40 22.25
N ASN A 688 -9.19 -9.74 21.27
CA ASN A 688 -10.62 -9.92 20.91
C ASN A 688 -10.83 -9.59 19.43
N ARG A 689 -11.62 -10.42 18.73
CA ARG A 689 -11.95 -10.26 17.29
C ARG A 689 -13.14 -9.30 17.12
N ASP A 690 -14.19 -9.49 17.94
CA ASP A 690 -15.47 -8.72 17.87
C ASP A 690 -15.16 -7.24 18.09
N GLN A 691 -14.24 -6.92 19.00
CA GLN A 691 -13.78 -5.54 19.31
C GLN A 691 -13.22 -4.89 18.03
N ILE A 692 -12.45 -5.64 17.24
CA ILE A 692 -11.83 -5.14 15.98
C ILE A 692 -12.94 -4.91 14.95
N ILE A 693 -13.85 -5.88 14.77
CA ILE A 693 -14.97 -5.81 13.79
C ILE A 693 -15.78 -4.54 14.05
N PHE A 694 -16.16 -4.29 15.31
CA PHE A 694 -16.99 -3.13 15.73
C PHE A 694 -16.23 -1.82 15.52
N MET A 695 -15.04 -1.69 16.12
CA MET A 695 -14.26 -0.42 16.19
C MET A 695 -13.79 0.00 14.79
N VAL A 696 -13.37 -0.96 13.95
CA VAL A 696 -12.91 -0.70 12.54
C VAL A 696 -14.11 -0.22 11.71
N GLY A 697 -15.21 -0.97 11.76
CA GLY A 697 -16.47 -0.65 11.05
C GLY A 697 -17.07 0.67 11.50
N ARG A 698 -16.72 1.13 12.70
CA ARG A 698 -17.22 2.39 13.31
C ARG A 698 -16.26 3.55 13.01
N GLY A 699 -15.06 3.26 12.48
CA GLY A 699 -14.02 4.27 12.16
C GLY A 699 -13.37 4.80 13.42
N TYR A 700 -13.20 3.94 14.44
CA TYR A 700 -12.56 4.25 15.74
C TYR A 700 -11.16 3.63 15.79
N LEU A 701 -10.97 2.45 15.19
CA LEU A 701 -9.67 1.73 15.15
C LEU A 701 -9.07 1.82 13.74
N SER A 702 -7.78 2.18 13.66
CA SER A 702 -6.96 2.27 12.43
C SER A 702 -5.61 1.59 12.67
N PRO A 703 -5.00 0.94 11.64
CA PRO A 703 -3.65 0.41 11.77
C PRO A 703 -2.65 1.50 12.16
N ASP A 704 -1.97 1.32 13.30
CA ASP A 704 -1.03 2.32 13.89
C ASP A 704 0.19 2.47 12.99
N LEU A 705 0.57 3.70 12.63
CA LEU A 705 1.70 4.02 11.71
C LEU A 705 2.90 4.54 12.51
N SER A 706 3.05 4.11 13.77
CA SER A 706 4.14 4.51 14.70
C SER A 706 5.05 3.31 15.01
N LYS A 707 4.80 2.15 14.38
CA LYS A 707 5.57 0.88 14.58
C LYS A 707 6.41 0.56 13.32
N VAL A 708 6.50 1.51 12.39
CA VAL A 708 7.27 1.36 11.11
C VAL A 708 8.77 1.50 11.41
N ARG A 709 9.62 1.19 10.42
CA ARG A 709 11.10 1.26 10.52
C ARG A 709 11.53 2.73 10.51
N SER A 710 12.76 3.01 10.95
CA SER A 710 13.34 4.38 11.11
C SER A 710 14.17 4.75 9.88
N ASN A 711 13.79 4.26 8.69
CA ASN A 711 14.47 4.57 7.40
C ASN A 711 13.46 4.64 6.24
N CYS A 712 12.16 4.53 6.51
CA CYS A 712 11.08 4.48 5.47
C CYS A 712 10.82 5.89 4.96
N PRO A 713 11.09 6.17 3.66
CA PRO A 713 10.83 7.49 3.08
C PRO A 713 9.35 7.89 3.19
N LYS A 714 9.08 9.20 3.29
CA LYS A 714 7.71 9.77 3.47
C LYS A 714 6.86 9.44 2.23
N ALA A 715 7.44 9.54 1.03
CA ALA A 715 6.79 9.23 -0.27
C ALA A 715 6.21 7.82 -0.25
N MET A 716 7.03 6.83 0.12
CA MET A 716 6.65 5.39 0.16
C MET A 716 5.60 5.16 1.25
N LYS A 717 5.93 5.54 2.49
CA LYS A 717 5.04 5.35 3.68
C LYS A 717 3.67 5.98 3.41
N ARG A 718 3.63 7.16 2.79
CA ARG A 718 2.38 7.91 2.50
C ARG A 718 1.44 7.05 1.65
N LEU A 719 1.96 6.33 0.65
CA LEU A 719 1.15 5.43 -0.22
C LEU A 719 0.33 4.49 0.65
N MET A 720 0.96 3.86 1.64
CA MET A 720 0.32 2.92 2.60
C MET A 720 -0.85 3.62 3.30
N ALA A 721 -0.66 4.87 3.72
CA ALA A 721 -1.64 5.69 4.45
C ALA A 721 -2.83 6.05 3.55
N GLU A 722 -2.60 6.18 2.24
CA GLU A 722 -3.64 6.57 1.24
C GLU A 722 -4.60 5.40 0.99
N CYS A 723 -4.10 4.16 0.99
CA CYS A 723 -4.89 2.93 0.74
C CYS A 723 -5.80 2.61 1.93
N LEU A 724 -5.42 3.05 3.14
CA LEU A 724 -6.11 2.73 4.42
C LEU A 724 -7.14 3.82 4.78
N LYS A 725 -7.52 4.68 3.83
CA LYS A 725 -8.50 5.79 4.07
C LYS A 725 -9.86 5.18 4.41
N LYS A 726 -10.46 5.65 5.52
CA LYS A 726 -11.72 5.11 6.10
C LYS A 726 -12.85 5.24 5.06
N LYS A 727 -13.00 6.43 4.47
CA LYS A 727 -13.87 6.66 3.28
C LYS A 727 -13.19 6.00 2.07
N ARG A 728 -13.91 5.15 1.34
CA ARG A 728 -13.34 4.31 0.25
C ARG A 728 -13.02 5.19 -0.97
N ASP A 729 -13.74 6.29 -1.17
CA ASP A 729 -13.63 7.18 -2.36
C ASP A 729 -12.29 7.94 -2.35
N GLU A 730 -11.62 8.02 -1.20
CA GLU A 730 -10.33 8.74 -1.03
C GLU A 730 -9.16 7.84 -1.46
N ARG A 731 -9.31 6.52 -1.38
CA ARG A 731 -8.25 5.53 -1.70
C ARG A 731 -7.93 5.60 -3.19
N PRO A 732 -6.63 5.55 -3.59
CA PRO A 732 -6.27 5.52 -5.01
C PRO A 732 -6.64 4.18 -5.68
N LEU A 733 -6.51 4.13 -7.01
CA LEU A 733 -6.68 2.88 -7.81
C LEU A 733 -5.30 2.36 -8.23
N PHE A 734 -5.23 1.11 -8.68
CA PHE A 734 -3.98 0.32 -8.82
C PHE A 734 -3.05 0.90 -9.88
N PRO A 735 -3.56 1.41 -11.03
CA PRO A 735 -2.71 2.14 -11.98
C PRO A 735 -1.89 3.28 -11.33
N GLN A 736 -2.46 3.97 -10.34
CA GLN A 736 -1.78 5.06 -9.58
C GLN A 736 -0.85 4.45 -8.53
N ILE A 737 -1.29 3.39 -7.84
CA ILE A 737 -0.54 2.71 -6.74
C ILE A 737 0.76 2.12 -7.32
N LEU A 738 0.63 1.29 -8.37
CA LEU A 738 1.75 0.58 -9.03
C LEU A 738 2.79 1.60 -9.54
N ALA A 739 2.34 2.73 -10.08
CA ALA A 739 3.20 3.85 -10.53
C ALA A 739 3.99 4.41 -9.35
N SER A 740 3.32 4.62 -8.22
CA SER A 740 3.89 5.20 -6.97
C SER A 740 4.88 4.21 -6.32
N ILE A 741 4.50 2.94 -6.20
CA ILE A 741 5.37 1.84 -5.67
C ILE A 741 6.67 1.81 -6.47
N GLU A 742 6.55 1.75 -7.81
CA GLU A 742 7.67 1.69 -8.77
C GLU A 742 8.52 2.97 -8.66
N LEU A 743 7.87 4.12 -8.45
CA LEU A 743 8.49 5.47 -8.50
C LEU A 743 9.69 5.56 -7.55
N LEU A 744 9.57 5.00 -6.34
CA LEU A 744 10.58 5.10 -5.25
C LEU A 744 11.48 3.86 -5.24
N ALA A 745 11.06 2.76 -5.87
CA ALA A 745 11.88 1.54 -6.10
C ALA A 745 13.15 1.94 -6.86
N ARG A 746 13.04 2.97 -7.72
CA ARG A 746 14.16 3.58 -8.48
C ARG A 746 14.95 4.63 -7.70
N SER A 747 14.29 5.36 -6.80
CA SER A 747 14.98 6.39 -5.98
C SER A 747 15.32 5.82 -4.60
N LEU A 748 15.16 4.51 -4.44
CA LEU A 748 15.36 3.79 -3.14
C LEU A 748 16.80 3.87 -2.63
N PRO A 749 17.80 3.30 -3.32
CA PRO A 749 19.19 3.29 -2.83
C PRO A 749 19.80 4.68 -2.62
N LYS A 750 19.55 5.61 -3.55
CA LYS A 750 20.09 6.98 -3.46
C LYS A 750 19.55 7.70 -2.22
N ILE A 751 18.26 7.49 -1.90
CA ILE A 751 17.60 8.19 -0.77
C ILE A 751 17.85 7.49 0.58
N HIS A 752 18.58 6.37 0.61
CA HIS A 752 18.82 5.70 1.91
C HIS A 752 19.91 6.47 2.66
N ARG A 753 20.81 7.11 1.90
CA ARG A 753 21.93 7.93 2.45
C ARG A 753 21.40 9.16 3.21
N SER A 754 22.27 9.75 4.02
CA SER A 754 21.93 10.85 4.95
C SER A 754 21.48 12.09 4.18
N ALA A 755 20.58 12.89 4.77
CA ALA A 755 20.01 14.13 4.19
C ALA A 755 21.10 15.20 4.09
N SEP A 756 20.82 16.23 3.29
CA SEP A 756 21.76 17.36 2.97
CB SEP A 756 22.33 17.08 1.60
OG SEP A 756 23.64 17.69 1.48
C SEP A 756 20.99 18.68 2.99
O SEP A 756 19.76 18.66 3.18
P SEP A 756 24.41 17.51 0.08
O1P SEP A 756 24.90 18.89 -0.31
O2P SEP A 756 25.56 16.54 0.36
O3P SEP A 756 23.39 16.95 -0.89
N GLU A 757 21.71 19.80 2.80
CA GLU A 757 21.11 21.16 2.73
C GLU A 757 20.18 21.24 1.52
N PRO A 758 18.89 21.58 1.70
CA PRO A 758 17.96 21.71 0.57
C PRO A 758 18.04 23.10 -0.09
N SER A 759 17.55 23.20 -1.32
CA SER A 759 17.26 24.50 -1.98
C SER A 759 16.11 25.19 -1.24
N LEU A 760 16.17 26.52 -1.10
CA LEU A 760 15.22 27.31 -0.28
C LEU A 760 13.92 27.53 -1.07
N ASN A 761 13.02 28.38 -0.53
CA ASN A 761 11.57 28.42 -0.84
C ASN A 761 11.23 28.34 -2.35
N ARG A 762 11.77 29.28 -3.14
CA ARG A 762 11.65 29.32 -4.63
C ARG A 762 10.26 28.84 -5.08
N ALA A 763 9.20 29.40 -4.51
CA ALA A 763 7.80 29.14 -4.89
C ALA A 763 6.92 30.32 -4.45
N GLY A 764 5.70 30.38 -4.98
CA GLY A 764 4.72 31.46 -4.72
C GLY A 764 3.45 31.25 -5.51
N PHE A 765 2.30 31.29 -4.82
CA PHE A 765 0.95 31.03 -5.39
C PHE A 765 0.09 32.30 -5.29
N GLN B 78 -10.36 -41.31 38.41
CA GLN B 78 -10.27 -41.67 36.97
C GLN B 78 -9.12 -40.90 36.30
N LYS B 79 -8.88 -39.66 36.71
CA LYS B 79 -7.86 -38.75 36.13
C LYS B 79 -6.45 -39.30 36.36
N GLN B 80 -6.23 -40.03 37.45
CA GLN B 80 -4.90 -40.60 37.82
C GLN B 80 -4.58 -41.82 36.94
N LYS B 81 -5.58 -42.44 36.32
CA LYS B 81 -5.42 -43.55 35.35
C LYS B 81 -4.89 -42.99 34.02
N VAL B 82 -5.11 -41.70 33.77
CA VAL B 82 -4.70 -40.98 32.52
C VAL B 82 -3.28 -40.44 32.72
N GLY B 83 -2.31 -40.99 31.99
CA GLY B 83 -0.92 -40.48 32.06
C GLY B 83 -0.73 -39.37 31.04
N GLU B 84 0.22 -39.54 30.11
CA GLU B 84 0.45 -38.56 29.01
C GLU B 84 -0.49 -38.88 27.85
N LEU B 85 -1.19 -37.86 27.32
CA LEU B 85 -2.17 -37.99 26.22
C LEU B 85 -1.42 -37.95 24.88
N LYS B 86 -1.62 -38.99 24.05
CA LYS B 86 -1.06 -39.12 22.69
C LYS B 86 -2.21 -39.34 21.70
N ASP B 87 -2.03 -38.92 20.44
CA ASP B 87 -3.07 -38.94 19.37
C ASP B 87 -3.51 -40.38 19.09
N ASP B 88 -2.57 -41.33 19.09
CA ASP B 88 -2.81 -42.75 18.69
C ASP B 88 -3.47 -43.53 19.84
N ASP B 89 -3.52 -42.98 21.05
CA ASP B 89 -4.17 -43.60 22.23
C ASP B 89 -5.69 -43.39 22.18
N PHE B 90 -6.17 -42.52 21.29
CA PHE B 90 -7.61 -42.18 21.13
C PHE B 90 -8.23 -42.97 19.96
N GLU B 91 -9.52 -43.30 20.11
CA GLU B 91 -10.38 -43.89 19.04
C GLU B 91 -11.63 -43.02 18.89
N LYS B 92 -11.94 -42.60 17.67
CA LYS B 92 -13.12 -41.75 17.33
C LYS B 92 -14.40 -42.55 17.55
N ILE B 93 -15.38 -41.98 18.25
CA ILE B 93 -16.74 -42.58 18.46
C ILE B 93 -17.73 -41.81 17.59
N SER B 94 -17.90 -40.51 17.84
CA SER B 94 -18.86 -39.61 17.14
C SER B 94 -18.50 -38.14 17.40
N GLU B 95 -18.95 -37.24 16.51
CA GLU B 95 -18.78 -35.77 16.64
C GLU B 95 -19.91 -35.23 17.53
N LEU B 96 -19.56 -34.39 18.51
CA LEU B 96 -20.52 -33.80 19.49
C LEU B 96 -21.29 -32.64 18.84
N GLY B 97 -20.63 -31.88 17.96
CA GLY B 97 -21.25 -30.77 17.21
C GLY B 97 -20.22 -29.90 16.51
N ALA B 98 -20.64 -29.22 15.44
CA ALA B 98 -19.81 -28.27 14.65
C ALA B 98 -19.61 -26.98 15.46
N GLY B 99 -18.49 -26.28 15.22
CA GLY B 99 -18.12 -25.03 15.90
C GLY B 99 -17.67 -23.97 14.93
N ASN B 100 -17.50 -22.73 15.42
CA ASN B 100 -17.03 -21.56 14.63
C ASN B 100 -15.55 -21.74 14.30
N GLY B 101 -14.73 -22.09 15.30
CA GLY B 101 -13.27 -22.24 15.19
C GLY B 101 -12.77 -23.66 15.43
N GLY B 102 -13.38 -24.37 16.39
CA GLY B 102 -12.96 -25.71 16.81
C GLY B 102 -13.98 -26.79 16.44
N VAL B 103 -13.58 -28.05 16.58
CA VAL B 103 -14.46 -29.26 16.40
C VAL B 103 -14.27 -30.17 17.63
N VAL B 104 -15.36 -30.74 18.13
CA VAL B 104 -15.37 -31.59 19.37
C VAL B 104 -15.87 -32.98 18.99
N PHE B 105 -15.11 -34.02 19.39
CA PHE B 105 -15.42 -35.45 19.16
C PHE B 105 -15.51 -36.19 20.49
N LYS B 106 -16.51 -37.06 20.63
CA LYS B 106 -16.55 -38.09 21.70
C LYS B 106 -15.52 -39.17 21.33
N VAL B 107 -14.53 -39.40 22.19
CA VAL B 107 -13.38 -40.32 21.94
C VAL B 107 -13.20 -41.25 23.15
N SER B 108 -12.61 -42.43 22.90
CA SER B 108 -12.24 -43.44 23.93
C SER B 108 -10.72 -43.46 24.11
N HIS B 109 -10.23 -43.02 25.27
CA HIS B 109 -8.80 -43.12 25.67
C HIS B 109 -8.51 -44.58 26.02
N LYS B 110 -7.91 -45.33 25.08
CA LYS B 110 -7.77 -46.81 25.12
C LYS B 110 -6.93 -47.24 26.32
N PRO B 111 -5.79 -46.57 26.63
CA PRO B 111 -5.00 -46.92 27.81
C PRO B 111 -5.77 -46.85 29.14
N SER B 112 -6.74 -45.93 29.26
CA SER B 112 -7.54 -45.68 30.49
C SER B 112 -8.92 -46.35 30.38
N GLY B 113 -9.48 -46.45 29.17
CA GLY B 113 -10.82 -47.02 28.91
C GLY B 113 -11.92 -46.10 29.40
N LEU B 114 -11.89 -44.83 28.98
CA LEU B 114 -12.89 -43.78 29.36
C LEU B 114 -13.31 -42.99 28.11
N VAL B 115 -14.52 -42.43 28.15
CA VAL B 115 -15.12 -41.61 27.06
C VAL B 115 -14.91 -40.12 27.40
N MET B 116 -13.99 -39.45 26.69
CA MET B 116 -13.67 -38.02 26.85
C MET B 116 -14.29 -37.22 25.70
N ALA B 117 -14.45 -35.91 25.88
CA ALA B 117 -14.80 -34.92 24.83
C ALA B 117 -13.52 -34.23 24.37
N ARG B 118 -12.99 -34.60 23.20
CA ARG B 118 -11.72 -34.07 22.64
C ARG B 118 -12.02 -32.92 21.67
N LYS B 119 -11.68 -31.69 22.07
CA LYS B 119 -11.75 -30.48 21.21
C LYS B 119 -10.40 -30.31 20.49
N LEU B 120 -10.44 -30.15 19.16
CA LEU B 120 -9.24 -29.94 18.31
C LEU B 120 -9.32 -28.54 17.68
N ILE B 121 -8.37 -27.67 18.02
CA ILE B 121 -8.25 -26.27 17.49
C ILE B 121 -7.03 -26.21 16.57
N HIS B 122 -7.25 -25.91 15.29
CA HIS B 122 -6.20 -25.73 14.26
C HIS B 122 -5.82 -24.24 14.17
N LEU B 123 -4.71 -23.86 14.81
CA LEU B 123 -4.18 -22.47 14.82
C LEU B 123 -2.85 -22.42 14.04
N GLU B 124 -2.75 -21.49 13.09
CA GLU B 124 -1.51 -21.21 12.32
C GLU B 124 -0.71 -20.13 13.06
N ILE B 125 -0.02 -20.53 14.14
CA ILE B 125 0.72 -19.64 15.07
C ILE B 125 2.18 -20.12 15.14
N LYS B 126 3.08 -19.23 15.55
CA LYS B 126 4.53 -19.56 15.77
C LYS B 126 4.63 -20.53 16.94
N PRO B 127 5.50 -21.56 16.87
CA PRO B 127 5.60 -22.59 17.92
C PRO B 127 5.77 -22.04 19.35
N ALA B 128 6.44 -20.89 19.51
CA ALA B 128 6.67 -20.22 20.82
C ALA B 128 5.34 -19.87 21.49
N ILE B 129 4.39 -19.35 20.73
CA ILE B 129 3.01 -19.00 21.20
C ILE B 129 2.25 -20.29 21.50
N ARG B 130 2.30 -21.26 20.58
CA ARG B 130 1.65 -22.59 20.73
C ARG B 130 2.12 -23.26 22.02
N ASN B 131 3.44 -23.30 22.26
CA ASN B 131 4.07 -23.94 23.45
C ASN B 131 3.57 -23.23 24.72
N GLN B 132 3.41 -21.90 24.67
CA GLN B 132 2.89 -21.08 25.80
C GLN B 132 1.41 -21.42 26.03
N ILE B 133 0.63 -21.60 24.96
CA ILE B 133 -0.82 -21.94 25.02
C ILE B 133 -0.99 -23.27 25.77
N ILE B 134 -0.24 -24.30 25.36
CA ILE B 134 -0.26 -25.66 25.98
C ILE B 134 0.18 -25.54 27.46
N ARG B 135 1.09 -24.59 27.75
CA ARG B 135 1.63 -24.34 29.11
C ARG B 135 0.55 -23.72 30.00
N GLU B 136 -0.20 -22.75 29.48
CA GLU B 136 -1.26 -22.00 30.24
C GLU B 136 -2.54 -22.85 30.36
N LEU B 137 -2.70 -23.88 29.54
CA LEU B 137 -3.87 -24.80 29.58
C LEU B 137 -3.68 -25.86 30.69
N GLN B 138 -2.43 -26.10 31.12
CA GLN B 138 -2.10 -27.04 32.23
C GLN B 138 -2.69 -26.52 33.54
N VAL B 139 -3.08 -25.23 33.55
CA VAL B 139 -3.77 -24.53 34.67
C VAL B 139 -5.12 -25.21 34.94
N LEU B 140 -5.71 -25.88 33.94
CA LEU B 140 -7.06 -26.52 34.02
C LEU B 140 -7.04 -27.78 34.88
N HIS B 141 -5.85 -28.38 35.13
CA HIS B 141 -5.68 -29.56 36.01
C HIS B 141 -6.16 -29.24 37.44
N GLU B 142 -6.10 -27.97 37.84
CA GLU B 142 -6.41 -27.49 39.22
C GLU B 142 -7.78 -26.80 39.27
N CYS B 143 -8.51 -26.73 38.15
CA CYS B 143 -9.88 -26.18 38.06
C CYS B 143 -10.91 -27.30 38.29
N ASN B 144 -10.96 -27.82 39.52
CA ASN B 144 -11.81 -28.98 39.92
C ASN B 144 -12.91 -28.48 40.87
N SER B 145 -14.18 -28.64 40.46
CA SER B 145 -15.40 -28.17 41.17
C SER B 145 -16.65 -28.71 40.48
N PRO B 146 -17.82 -28.77 41.15
CA PRO B 146 -19.02 -29.35 40.54
C PRO B 146 -19.70 -28.44 39.50
N TYR B 147 -19.19 -27.24 39.26
CA TYR B 147 -19.73 -26.24 38.27
C TYR B 147 -18.69 -25.89 37.21
N ILE B 148 -17.62 -26.68 37.11
CA ILE B 148 -16.56 -26.53 36.05
C ILE B 148 -16.37 -27.90 35.37
N VAL B 149 -16.43 -27.92 34.04
CA VAL B 149 -16.24 -29.14 33.20
C VAL B 149 -14.86 -29.71 33.49
N GLY B 150 -14.79 -30.97 33.93
CA GLY B 150 -13.54 -31.68 34.27
C GLY B 150 -12.57 -31.70 33.10
N PHE B 151 -11.27 -31.78 33.39
CA PHE B 151 -10.15 -31.65 32.42
C PHE B 151 -9.20 -32.84 32.58
N TYR B 152 -8.77 -33.43 31.46
CA TYR B 152 -7.91 -34.64 31.40
C TYR B 152 -6.49 -34.29 30.94
N GLY B 153 -6.36 -33.42 29.93
CA GLY B 153 -5.06 -32.97 29.41
C GLY B 153 -5.17 -32.13 28.15
N ALA B 154 -4.18 -31.28 27.90
CA ALA B 154 -4.03 -30.42 26.70
C ALA B 154 -2.64 -30.66 26.10
N PHE B 155 -2.60 -31.19 24.86
CA PHE B 155 -1.36 -31.51 24.11
C PHE B 155 -1.49 -31.03 22.66
N TYR B 156 -0.39 -31.08 21.91
CA TYR B 156 -0.29 -30.66 20.49
C TYR B 156 0.25 -31.82 19.65
N SER B 157 -0.40 -32.07 18.50
CA SER B 157 -0.03 -33.15 17.55
C SER B 157 -0.71 -32.92 16.20
N ASP B 158 0.02 -33.12 15.09
CA ASP B 158 -0.48 -33.06 13.69
C ASP B 158 -1.08 -31.67 13.42
N GLY B 159 -0.46 -30.61 13.94
CA GLY B 159 -0.83 -29.21 13.69
C GLY B 159 -2.17 -28.83 14.29
N GLU B 160 -2.59 -29.48 15.38
CA GLU B 160 -3.87 -29.20 16.08
C GLU B 160 -3.67 -29.26 17.61
N ILE B 161 -4.21 -28.27 18.33
CA ILE B 161 -4.26 -28.24 19.82
C ILE B 161 -5.43 -29.10 20.28
N SER B 162 -5.15 -30.17 21.01
CA SER B 162 -6.16 -31.11 21.58
C SER B 162 -6.40 -30.78 23.06
N ILE B 163 -7.64 -30.39 23.41
CA ILE B 163 -8.10 -30.19 24.82
C ILE B 163 -9.07 -31.32 25.16
N CYS B 164 -8.61 -32.31 25.93
CA CYS B 164 -9.39 -33.49 26.39
C CYS B 164 -10.07 -33.15 27.73
N MET B 165 -11.40 -33.19 27.76
CA MET B 165 -12.24 -32.81 28.93
C MET B 165 -13.33 -33.88 29.13
N GLU B 166 -13.97 -33.85 30.30
CA GLU B 166 -15.08 -34.75 30.70
C GLU B 166 -16.22 -34.62 29.69
N HIS B 167 -16.74 -35.75 29.20
CA HIS B 167 -17.91 -35.83 28.29
C HIS B 167 -19.19 -35.55 29.07
N MET B 168 -19.98 -34.58 28.61
CA MET B 168 -21.31 -34.21 29.19
C MET B 168 -22.40 -34.67 28.21
N ASP B 169 -23.12 -35.74 28.57
CA ASP B 169 -24.05 -36.48 27.67
C ASP B 169 -25.33 -35.66 27.40
N GLY B 170 -25.55 -34.59 28.16
CA GLY B 170 -26.70 -33.67 27.99
C GLY B 170 -26.43 -32.59 26.95
N GLY B 171 -25.18 -32.49 26.48
CA GLY B 171 -24.74 -31.45 25.52
C GLY B 171 -24.68 -30.09 26.16
N SER B 172 -24.66 -29.03 25.34
CA SER B 172 -24.70 -27.60 25.76
C SER B 172 -26.17 -27.17 25.89
N LEU B 173 -26.43 -26.10 26.66
CA LEU B 173 -27.78 -25.52 26.84
C LEU B 173 -28.26 -24.88 25.53
N ASP B 174 -27.34 -24.61 24.60
CA ASP B 174 -27.66 -24.17 23.21
C ASP B 174 -28.39 -25.31 22.47
N GLN B 175 -27.91 -26.55 22.61
CA GLN B 175 -28.52 -27.77 22.01
C GLN B 175 -29.84 -28.08 22.73
N VAL B 176 -29.84 -28.01 24.07
CA VAL B 176 -31.02 -28.31 24.93
C VAL B 176 -32.11 -27.27 24.66
N LEU B 177 -31.73 -26.03 24.34
CA LEU B 177 -32.67 -24.91 24.07
C LEU B 177 -33.50 -25.22 22.83
N LYS B 178 -32.86 -25.65 21.73
CA LYS B 178 -33.53 -25.99 20.44
C LYS B 178 -34.48 -27.18 20.68
N LYS B 179 -34.08 -28.14 21.52
CA LYS B 179 -34.87 -29.36 21.83
C LYS B 179 -36.05 -29.02 22.76
N ALA B 180 -35.90 -27.98 23.60
CA ALA B 180 -36.91 -27.54 24.59
C ALA B 180 -37.85 -26.48 23.99
N GLY B 181 -37.38 -25.76 22.96
CA GLY B 181 -38.04 -24.54 22.45
C GLY B 181 -37.75 -23.36 23.36
N ARG B 182 -38.31 -23.40 24.58
CA ARG B 182 -37.96 -22.48 25.70
C ARG B 182 -37.64 -23.34 26.94
N ILE B 183 -36.79 -22.80 27.83
CA ILE B 183 -36.40 -23.45 29.12
C ILE B 183 -37.23 -22.81 30.25
N PRO B 184 -37.90 -23.61 31.11
CA PRO B 184 -38.71 -23.06 32.19
C PRO B 184 -37.90 -22.21 33.17
N GLU B 185 -38.55 -21.22 33.81
CA GLU B 185 -37.93 -20.25 34.76
C GLU B 185 -37.29 -21.01 35.93
N GLN B 186 -37.99 -22.03 36.45
CA GLN B 186 -37.55 -22.83 37.62
C GLN B 186 -36.28 -23.63 37.26
N ILE B 187 -36.13 -24.02 35.98
CA ILE B 187 -34.91 -24.70 35.45
C ILE B 187 -33.79 -23.66 35.35
N LEU B 188 -34.09 -22.46 34.83
CA LEU B 188 -33.11 -21.34 34.65
C LEU B 188 -32.62 -20.85 36.01
N GLY B 189 -33.42 -21.00 37.07
CA GLY B 189 -33.03 -20.71 38.46
C GLY B 189 -31.85 -21.56 38.91
N LYS B 190 -31.85 -22.85 38.55
CA LYS B 190 -30.77 -23.82 38.87
C LYS B 190 -29.55 -23.55 38.00
N VAL B 191 -29.75 -23.11 36.75
CA VAL B 191 -28.66 -22.76 35.80
C VAL B 191 -27.93 -21.52 36.30
N SER B 192 -28.68 -20.48 36.69
CA SER B 192 -28.16 -19.19 37.22
C SER B 192 -27.23 -19.46 38.42
N ILE B 193 -27.66 -20.30 39.36
CA ILE B 193 -26.90 -20.68 40.60
C ILE B 193 -25.58 -21.35 40.17
N ALA B 194 -25.64 -22.27 39.21
CA ALA B 194 -24.49 -23.04 38.68
C ALA B 194 -23.50 -22.10 37.99
N VAL B 195 -23.98 -21.18 37.16
CA VAL B 195 -23.15 -20.19 36.39
C VAL B 195 -22.48 -19.24 37.39
N ILE B 196 -23.26 -18.68 38.33
CA ILE B 196 -22.76 -17.71 39.36
C ILE B 196 -21.64 -18.38 40.17
N LYS B 197 -21.88 -19.58 40.70
CA LYS B 197 -20.93 -20.35 41.55
C LYS B 197 -19.75 -20.83 40.70
N GLY B 198 -19.98 -21.10 39.41
CA GLY B 198 -18.94 -21.42 38.42
C GLY B 198 -18.00 -20.24 38.21
N LEU B 199 -18.56 -19.05 37.96
CA LEU B 199 -17.80 -17.79 37.76
C LEU B 199 -17.09 -17.38 39.05
N THR B 200 -17.73 -17.60 40.21
CA THR B 200 -17.18 -17.29 41.55
C THR B 200 -15.92 -18.14 41.80
N TYR B 201 -15.99 -19.45 41.53
CA TYR B 201 -14.87 -20.41 41.71
C TYR B 201 -13.67 -19.96 40.87
N LEU B 202 -13.89 -19.68 39.58
CA LEU B 202 -12.83 -19.30 38.61
C LEU B 202 -12.15 -18.00 39.06
N ARG B 203 -12.90 -17.06 39.63
CA ARG B 203 -12.41 -15.70 40.00
C ARG B 203 -11.81 -15.68 41.42
N GLU B 204 -12.28 -16.55 42.32
CA GLU B 204 -11.79 -16.59 43.73
C GLU B 204 -10.55 -17.48 43.82
N LYS B 205 -10.63 -18.70 43.27
CA LYS B 205 -9.58 -19.76 43.41
C LYS B 205 -8.47 -19.55 42.37
N HIS B 206 -8.78 -18.95 41.22
CA HIS B 206 -7.81 -18.73 40.11
C HIS B 206 -7.75 -17.25 39.68
N LYS B 207 -8.77 -16.45 39.99
CA LYS B 207 -8.88 -15.02 39.59
C LYS B 207 -8.71 -14.91 38.07
N ILE B 208 -9.58 -15.59 37.31
CA ILE B 208 -9.62 -15.57 35.82
C ILE B 208 -11.05 -15.25 35.38
N MET B 209 -11.21 -14.19 34.59
CA MET B 209 -12.49 -13.77 33.96
C MET B 209 -12.81 -14.75 32.82
N HIS B 210 -14.03 -15.29 32.81
CA HIS B 210 -14.54 -16.26 31.80
C HIS B 210 -14.39 -15.65 30.40
N ARG B 211 -14.95 -14.46 30.20
CA ARG B 211 -14.88 -13.62 28.97
C ARG B 211 -15.60 -14.30 27.78
N ASP B 212 -16.37 -15.36 28.01
CA ASP B 212 -17.13 -16.07 26.94
C ASP B 212 -18.46 -16.69 27.36
N VAL B 213 -19.03 -16.26 28.49
CA VAL B 213 -20.29 -16.82 29.06
C VAL B 213 -21.37 -16.73 27.97
N LYS B 214 -21.96 -17.87 27.60
CA LYS B 214 -23.07 -17.98 26.61
C LYS B 214 -23.62 -19.40 26.66
N PRO B 215 -24.88 -19.63 26.19
CA PRO B 215 -25.53 -20.93 26.31
C PRO B 215 -24.70 -22.13 25.81
N SER B 216 -23.89 -21.94 24.76
CA SER B 216 -23.06 -22.98 24.11
C SER B 216 -21.90 -23.40 25.01
N ASN B 217 -21.52 -22.57 25.99
CA ASN B 217 -20.35 -22.80 26.90
C ASN B 217 -20.83 -23.13 28.32
N ILE B 218 -22.14 -23.36 28.51
CA ILE B 218 -22.72 -23.93 29.76
C ILE B 218 -23.17 -25.37 29.46
N LEU B 219 -22.41 -26.36 29.96
CA LEU B 219 -22.62 -27.80 29.66
C LEU B 219 -23.40 -28.46 30.80
N VAL B 220 -24.26 -29.43 30.45
CA VAL B 220 -25.16 -30.18 31.38
C VAL B 220 -25.03 -31.67 31.07
N ASN B 221 -25.18 -32.52 32.08
CA ASN B 221 -25.15 -34.00 31.95
C ASN B 221 -26.41 -34.60 32.57
N SER B 222 -26.64 -35.89 32.34
CA SER B 222 -27.86 -36.65 32.77
C SER B 222 -27.88 -36.79 34.30
N ARG B 223 -26.76 -36.53 34.99
CA ARG B 223 -26.65 -36.56 36.47
C ARG B 223 -27.23 -35.28 37.07
N GLY B 224 -27.45 -34.25 36.24
CA GLY B 224 -28.05 -32.96 36.63
C GLY B 224 -27.02 -31.91 36.96
N GLU B 225 -25.75 -32.17 36.63
CA GLU B 225 -24.62 -31.22 36.83
C GLU B 225 -24.71 -30.12 35.76
N ILE B 226 -24.47 -28.87 36.15
CA ILE B 226 -24.42 -27.68 35.24
C ILE B 226 -23.03 -27.04 35.42
N LYS B 227 -22.20 -27.09 34.38
CA LYS B 227 -20.76 -26.72 34.46
C LYS B 227 -20.41 -25.68 33.38
N LEU B 228 -19.58 -24.69 33.73
CA LEU B 228 -18.99 -23.71 32.79
C LEU B 228 -17.81 -24.37 32.07
N CYS B 229 -17.53 -23.91 30.84
CA CYS B 229 -16.39 -24.35 30.01
C CYS B 229 -15.98 -23.22 29.06
N ASP B 230 -14.86 -23.38 28.36
CA ASP B 230 -14.34 -22.41 27.36
C ASP B 230 -14.14 -21.03 28.01
N PHE B 231 -13.60 -21.00 29.23
CA PHE B 231 -13.22 -19.76 29.97
C PHE B 231 -11.74 -19.45 29.68
N GLY B 232 -11.34 -18.20 29.93
CA GLY B 232 -10.03 -17.64 29.51
C GLY B 232 -8.93 -17.88 30.53
N VAL B 233 -8.53 -19.14 30.71
CA VAL B 233 -7.38 -19.53 31.60
C VAL B 233 -6.07 -19.22 30.89
N SER B 234 -6.06 -19.25 29.55
CA SER B 234 -4.90 -18.92 28.68
C SER B 234 -5.18 -17.63 27.91
N GLY B 235 -4.61 -16.51 28.37
CA GLY B 235 -4.70 -15.19 27.69
C GLY B 235 -4.09 -15.21 26.31
N GLN B 236 -3.12 -16.10 26.08
CA GLN B 236 -2.41 -16.28 24.78
C GLN B 236 -3.31 -17.02 23.79
N LEU B 237 -4.19 -17.90 24.29
CA LEU B 237 -5.16 -18.68 23.46
C LEU B 237 -6.31 -17.78 23.01
N ILE B 238 -6.70 -16.80 23.84
CA ILE B 238 -7.82 -15.86 23.55
C ILE B 238 -7.40 -14.92 22.40
N ASP B 239 -6.15 -14.44 22.44
CA ASP B 239 -5.53 -13.55 21.42
C ASP B 239 -5.36 -14.33 20.10
N ALA B 240 -5.06 -15.63 20.19
CA ALA B 240 -4.77 -16.52 19.03
C ALA B 240 -6.01 -16.67 18.15
N MET B 241 -7.17 -16.97 18.76
CA MET B 241 -8.45 -17.26 18.05
C MET B 241 -9.17 -15.95 17.69
N ALA B 242 -8.82 -14.84 18.36
CA ALA B 242 -9.32 -13.48 18.05
C ALA B 242 -8.82 -13.04 16.67
N ASN B 243 -7.66 -13.54 16.25
CA ASN B 243 -7.02 -13.19 14.95
C ASN B 243 -7.53 -14.11 13.83
N ALA B 244 -8.01 -15.31 14.17
CA ALA B 244 -8.21 -16.44 13.24
C ALA B 244 -9.65 -16.45 12.68
N PHE B 245 -10.65 -16.41 13.56
CA PHE B 245 -12.08 -16.67 13.22
C PHE B 245 -12.92 -15.38 13.28
N VAL B 246 -14.19 -15.51 12.89
CA VAL B 246 -15.21 -14.42 12.88
C VAL B 246 -16.55 -15.02 13.33
N GLY B 247 -17.19 -14.43 14.34
CA GLY B 247 -18.46 -14.90 14.93
C GLY B 247 -19.66 -14.23 14.29
N THR B 248 -20.83 -14.86 14.38
CA THR B 248 -22.09 -14.32 13.84
C THR B 248 -23.01 -13.93 15.01
N ARG B 249 -22.83 -14.60 16.17
CA ARG B 249 -23.64 -14.33 17.39
C ARG B 249 -22.69 -13.87 18.51
N SER B 250 -23.05 -12.81 19.23
CA SER B 250 -22.17 -12.28 20.31
C SER B 250 -22.93 -12.06 21.62
N TYR B 251 -22.22 -12.24 22.74
CA TYR B 251 -22.73 -12.05 24.12
C TYR B 251 -21.79 -11.12 24.89
N MET B 252 -20.95 -10.38 24.16
CA MET B 252 -19.95 -9.43 24.74
C MET B 252 -20.68 -8.23 25.33
N SER B 253 -20.26 -7.80 26.53
CA SER B 253 -20.83 -6.65 27.27
C SER B 253 -20.52 -5.35 26.53
N PRO B 254 -21.39 -4.33 26.61
CA PRO B 254 -21.19 -3.08 25.87
C PRO B 254 -19.90 -2.32 26.22
N GLU B 255 -19.40 -2.44 27.45
CA GLU B 255 -18.18 -1.73 27.92
C GLU B 255 -16.93 -2.42 27.36
N ARG B 256 -16.95 -3.75 27.25
CA ARG B 256 -15.83 -4.55 26.68
C ARG B 256 -15.70 -4.22 25.18
N LEU B 257 -16.82 -4.09 24.48
CA LEU B 257 -16.87 -3.73 23.03
C LEU B 257 -16.18 -2.39 22.79
N GLN B 258 -16.22 -1.48 23.77
CA GLN B 258 -15.64 -0.11 23.69
C GLN B 258 -14.24 -0.07 24.29
N GLY B 259 -13.70 -1.21 24.74
CA GLY B 259 -12.32 -1.37 25.21
C GLY B 259 -12.16 -1.05 26.69
N THR B 260 -13.26 -1.06 27.45
CA THR B 260 -13.28 -0.84 28.93
C THR B 260 -13.36 -2.20 29.63
N HIS B 261 -12.45 -2.48 30.55
CA HIS B 261 -12.36 -3.76 31.30
C HIS B 261 -12.85 -3.55 32.74
N TYR B 262 -13.93 -4.24 33.12
CA TYR B 262 -14.57 -4.18 34.46
C TYR B 262 -14.64 -5.60 35.05
N SER B 263 -13.50 -6.31 35.04
CA SER B 263 -13.31 -7.65 35.66
C SER B 263 -14.41 -8.62 35.17
N VAL B 264 -15.22 -9.16 36.09
CA VAL B 264 -16.21 -10.25 35.81
C VAL B 264 -17.61 -9.64 35.58
N GLN B 265 -17.72 -8.31 35.53
CA GLN B 265 -19.01 -7.60 35.29
C GLN B 265 -19.50 -7.92 33.87
N SER B 266 -18.58 -8.14 32.92
CA SER B 266 -18.86 -8.48 31.50
C SER B 266 -19.43 -9.90 31.41
N ASP B 267 -18.93 -10.83 32.25
CA ASP B 267 -19.40 -12.24 32.30
C ASP B 267 -20.83 -12.29 32.83
N ILE B 268 -21.19 -11.38 33.74
CA ILE B 268 -22.55 -11.27 34.35
C ILE B 268 -23.53 -10.74 33.29
N TRP B 269 -23.11 -9.78 32.47
CA TRP B 269 -23.89 -9.28 31.31
C TRP B 269 -24.23 -10.45 30.40
N SER B 270 -23.22 -11.25 30.04
CA SER B 270 -23.30 -12.41 29.12
C SER B 270 -24.28 -13.46 29.67
N MET B 271 -24.26 -13.70 30.98
CA MET B 271 -25.18 -14.65 31.68
C MET B 271 -26.62 -14.16 31.53
N GLY B 272 -26.88 -12.90 31.90
CA GLY B 272 -28.20 -12.25 31.79
C GLY B 272 -28.76 -12.33 30.39
N LEU B 273 -27.91 -12.12 29.38
CA LEU B 273 -28.28 -12.19 27.93
C LEU B 273 -28.62 -13.64 27.56
N SER B 274 -27.85 -14.60 28.10
CA SER B 274 -28.04 -16.07 27.91
C SER B 274 -29.38 -16.49 28.54
N LEU B 275 -29.70 -15.98 29.74
CA LEU B 275 -30.93 -16.32 30.50
C LEU B 275 -32.16 -15.82 29.75
N VAL B 276 -32.09 -14.64 29.13
CA VAL B 276 -33.21 -14.05 28.32
C VAL B 276 -33.41 -14.91 27.07
N GLU B 277 -32.32 -15.25 26.37
CA GLU B 277 -32.39 -16.06 25.13
C GLU B 277 -33.23 -17.32 25.34
N MET B 278 -32.78 -18.21 26.24
CA MET B 278 -33.47 -19.51 26.49
C MET B 278 -34.88 -19.31 27.03
N ALA B 279 -35.09 -18.37 27.98
CA ALA B 279 -36.44 -18.19 28.55
C ALA B 279 -37.45 -17.75 27.49
N VAL B 280 -37.08 -16.74 26.68
CA VAL B 280 -37.98 -16.24 25.60
C VAL B 280 -38.05 -17.29 24.47
N GLY B 281 -36.96 -18.01 24.23
CA GLY B 281 -36.88 -19.02 23.15
C GLY B 281 -36.44 -18.39 21.84
N ARG B 282 -35.95 -17.14 21.94
CA ARG B 282 -35.42 -16.33 20.81
C ARG B 282 -34.08 -15.70 21.22
N TYR B 283 -33.48 -14.92 20.32
CA TYR B 283 -32.19 -14.25 20.61
C TYR B 283 -32.46 -12.89 21.26
N PRO B 284 -31.74 -12.55 22.36
CA PRO B 284 -31.90 -11.27 23.07
C PRO B 284 -31.52 -10.01 22.28
N ILE B 285 -30.45 -10.08 21.47
CA ILE B 285 -29.90 -8.88 20.77
C ILE B 285 -30.95 -8.26 19.83
N PRO B 286 -31.71 -9.04 19.03
CA PRO B 286 -32.74 -8.48 18.17
C PRO B 286 -34.09 -8.79 18.80
N PRO B 287 -34.93 -7.78 19.14
CA PRO B 287 -36.22 -8.03 19.75
C PRO B 287 -37.38 -7.75 18.78
N PRO B 288 -38.28 -8.72 18.53
CA PRO B 288 -39.42 -8.51 17.63
C PRO B 288 -40.25 -7.37 18.26
N ASP B 289 -40.30 -7.37 19.60
CA ASP B 289 -41.06 -6.34 20.36
C ASP B 289 -40.06 -5.39 21.04
N PRO B 329 -31.43 -11.98 8.80
CA PRO B 329 -30.85 -11.73 10.14
C PRO B 329 -29.86 -10.56 10.13
N MET B 330 -29.60 -9.99 11.32
CA MET B 330 -28.64 -8.88 11.51
C MET B 330 -27.20 -9.43 11.44
N ALA B 331 -26.30 -8.72 10.77
CA ALA B 331 -24.86 -9.05 10.65
C ALA B 331 -24.17 -8.77 11.99
N ILE B 332 -23.00 -9.37 12.21
CA ILE B 332 -22.22 -9.28 13.49
C ILE B 332 -22.03 -7.81 13.87
N PHE B 333 -21.77 -6.93 12.89
CA PHE B 333 -21.51 -5.48 13.10
C PHE B 333 -22.77 -4.79 13.62
N GLU B 334 -23.94 -5.13 13.04
CA GLU B 334 -25.26 -4.56 13.41
C GLU B 334 -25.64 -5.01 14.82
N LEU B 335 -25.22 -6.22 15.21
CA LEU B 335 -25.47 -6.80 16.56
C LEU B 335 -24.64 -6.05 17.61
N LEU B 336 -23.34 -5.86 17.37
CA LEU B 336 -22.39 -5.18 18.30
C LEU B 336 -22.80 -3.72 18.46
N ASP B 337 -23.13 -3.03 17.36
CA ASP B 337 -23.55 -1.60 17.35
C ASP B 337 -24.86 -1.45 18.16
N TYR B 338 -25.73 -2.46 18.13
CA TYR B 338 -27.03 -2.47 18.87
C TYR B 338 -26.75 -2.60 20.37
N ILE B 339 -25.88 -3.54 20.77
CA ILE B 339 -25.51 -3.81 22.19
C ILE B 339 -24.97 -2.52 22.83
N VAL B 340 -24.20 -1.74 22.06
CA VAL B 340 -23.47 -0.52 22.57
C VAL B 340 -24.43 0.67 22.66
N ASN B 341 -25.30 0.87 21.66
CA ASN B 341 -26.03 2.15 21.45
C ASN B 341 -27.52 2.05 21.78
N GLU B 342 -28.06 0.84 22.03
CA GLU B 342 -29.51 0.63 22.29
C GLU B 342 -29.72 0.14 23.72
N PRO B 343 -30.92 0.34 24.30
CA PRO B 343 -31.22 -0.19 25.64
C PRO B 343 -31.12 -1.71 25.66
N PRO B 344 -30.71 -2.31 26.80
CA PRO B 344 -30.49 -3.76 26.85
C PRO B 344 -31.81 -4.52 26.72
N PRO B 345 -31.79 -5.80 26.29
CA PRO B 345 -33.02 -6.59 26.21
C PRO B 345 -33.56 -6.88 27.62
N LYS B 346 -34.83 -7.31 27.70
CA LYS B 346 -35.53 -7.60 28.97
C LYS B 346 -36.54 -8.73 28.73
N LEU B 347 -36.91 -9.45 29.79
CA LEU B 347 -37.92 -10.53 29.74
C LEU B 347 -39.29 -9.93 29.45
N PRO B 348 -40.17 -10.65 28.71
CA PRO B 348 -41.54 -10.19 28.50
C PRO B 348 -42.32 -10.11 29.82
N SER B 349 -43.12 -9.05 30.00
CA SER B 349 -43.91 -8.77 31.22
C SER B 349 -45.09 -9.75 31.31
N GLY B 350 -45.36 -10.26 32.52
CA GLY B 350 -46.55 -11.08 32.83
C GLY B 350 -46.25 -12.58 32.88
N VAL B 351 -45.44 -13.07 31.94
CA VAL B 351 -45.21 -14.53 31.70
C VAL B 351 -44.04 -15.04 32.57
N PHE B 352 -43.26 -14.13 33.17
CA PHE B 352 -42.16 -14.46 34.11
C PHE B 352 -42.38 -13.72 35.44
N SER B 353 -41.96 -14.33 36.55
CA SER B 353 -42.07 -13.78 37.93
C SER B 353 -41.24 -12.50 38.03
N LEU B 354 -41.70 -11.54 38.84
CA LEU B 354 -41.10 -10.18 38.99
C LEU B 354 -39.66 -10.30 39.51
N GLU B 355 -39.37 -11.35 40.30
CA GLU B 355 -38.01 -11.63 40.86
C GLU B 355 -37.07 -11.99 39.71
N PHE B 356 -37.51 -12.83 38.77
CA PHE B 356 -36.72 -13.29 37.60
C PHE B 356 -36.48 -12.11 36.64
N GLN B 357 -37.50 -11.27 36.45
CA GLN B 357 -37.43 -10.05 35.58
C GLN B 357 -36.41 -9.07 36.18
N ASP B 358 -36.41 -8.91 37.50
CA ASP B 358 -35.50 -8.00 38.25
C ASP B 358 -34.07 -8.54 38.21
N PHE B 359 -33.91 -9.88 38.26
CA PHE B 359 -32.60 -10.58 38.28
C PHE B 359 -31.84 -10.29 36.98
N VAL B 360 -32.50 -10.50 35.83
CA VAL B 360 -31.89 -10.33 34.47
C VAL B 360 -31.68 -8.84 34.18
N ASN B 361 -32.54 -7.97 34.72
CA ASN B 361 -32.44 -6.49 34.56
C ASN B 361 -31.16 -6.01 35.25
N LYS B 362 -30.88 -6.51 36.46
CA LYS B 362 -29.65 -6.17 37.25
C LYS B 362 -28.41 -6.76 36.56
N CYS B 363 -28.58 -7.83 35.78
CA CYS B 363 -27.51 -8.52 35.00
C CYS B 363 -27.26 -7.81 33.67
N LEU B 364 -28.19 -6.98 33.19
CA LEU B 364 -28.14 -6.36 31.84
C LEU B 364 -28.10 -4.83 31.91
N ILE B 365 -27.76 -4.24 33.06
CA ILE B 365 -27.50 -2.77 33.19
C ILE B 365 -26.22 -2.44 32.42
N LYS B 366 -26.31 -1.60 31.39
CA LYS B 366 -25.20 -1.26 30.46
C LYS B 366 -24.02 -0.67 31.23
N ASN B 367 -24.30 0.10 32.30
CA ASN B 367 -23.28 0.63 33.24
C ASN B 367 -22.68 -0.55 34.01
N PRO B 368 -21.39 -0.90 33.78
CA PRO B 368 -20.80 -2.09 34.40
C PRO B 368 -20.63 -1.98 35.92
N ALA B 369 -20.60 -0.77 36.47
CA ALA B 369 -20.48 -0.48 37.92
C ALA B 369 -21.84 -0.64 38.61
N GLU B 370 -22.91 -0.09 38.01
CA GLU B 370 -24.30 -0.20 38.50
C GLU B 370 -24.79 -1.64 38.35
N ARG B 371 -24.26 -2.37 37.37
CA ARG B 371 -24.54 -3.81 37.13
C ARG B 371 -24.18 -4.61 38.39
N ALA B 372 -25.05 -5.53 38.80
CA ALA B 372 -24.90 -6.37 40.01
C ALA B 372 -23.64 -7.24 39.89
N ASP B 373 -22.90 -7.42 41.00
CA ASP B 373 -21.69 -8.26 41.10
C ASP B 373 -22.11 -9.69 41.46
N LEU B 374 -21.15 -10.61 41.55
CA LEU B 374 -21.39 -12.05 41.85
C LEU B 374 -21.94 -12.21 43.28
N LYS B 375 -21.44 -11.42 44.23
CA LYS B 375 -21.87 -11.44 45.65
C LYS B 375 -23.31 -10.94 45.77
N GLN B 376 -23.66 -9.89 45.02
CA GLN B 376 -25.00 -9.24 45.03
C GLN B 376 -26.04 -10.20 44.42
N LEU B 377 -25.68 -10.91 43.34
CA LEU B 377 -26.60 -11.84 42.62
C LEU B 377 -26.87 -13.09 43.46
N MET B 378 -25.86 -13.58 44.19
CA MET B 378 -25.94 -14.82 45.03
C MET B 378 -27.07 -14.70 46.06
N VAL B 379 -27.37 -13.47 46.53
CA VAL B 379 -28.38 -13.19 47.59
C VAL B 379 -29.60 -12.46 46.99
N HIS B 380 -29.75 -12.47 45.66
CA HIS B 380 -30.93 -11.89 44.97
C HIS B 380 -32.16 -12.74 45.27
N ALA B 381 -33.35 -12.13 45.30
CA ALA B 381 -34.64 -12.77 45.63
C ALA B 381 -34.89 -13.98 44.74
N PHE B 382 -34.52 -13.90 43.46
CA PHE B 382 -34.70 -14.97 42.45
C PHE B 382 -33.83 -16.19 42.79
N ILE B 383 -32.55 -15.95 43.16
CA ILE B 383 -31.56 -17.03 43.47
C ILE B 383 -31.95 -17.71 44.79
N LYS B 384 -32.29 -16.93 45.82
CA LYS B 384 -32.69 -17.43 47.17
C LYS B 384 -33.94 -18.30 47.06
N ARG B 385 -34.87 -17.94 46.17
CA ARG B 385 -36.11 -18.71 45.89
C ARG B 385 -35.74 -20.01 45.16
N SER B 386 -34.97 -19.90 44.06
CA SER B 386 -34.56 -21.02 43.18
C SER B 386 -33.69 -22.02 43.95
N ASP B 387 -32.85 -21.54 44.87
CA ASP B 387 -31.95 -22.38 45.73
C ASP B 387 -32.82 -23.25 46.65
N ALA B 388 -33.98 -22.74 47.08
CA ALA B 388 -34.92 -23.42 47.99
C ALA B 388 -35.83 -24.39 47.22
N GLU B 389 -36.21 -24.03 45.99
CA GLU B 389 -37.11 -24.83 45.12
C GLU B 389 -36.49 -26.22 44.87
N GLU B 390 -37.31 -27.28 44.96
CA GLU B 390 -36.93 -28.67 44.61
C GLU B 390 -37.33 -28.93 43.14
N VAL B 391 -36.34 -28.92 42.24
CA VAL B 391 -36.54 -29.09 40.77
C VAL B 391 -35.75 -30.32 40.32
N ASP B 392 -36.44 -31.34 39.80
CA ASP B 392 -35.84 -32.57 39.21
C ASP B 392 -35.23 -32.19 37.85
N PHE B 393 -34.07 -31.51 37.87
CA PHE B 393 -33.37 -30.99 36.67
C PHE B 393 -32.93 -32.15 35.77
N ALA B 394 -32.32 -33.18 36.38
CA ALA B 394 -31.84 -34.41 35.71
C ALA B 394 -33.02 -35.10 35.01
N GLY B 395 -34.17 -35.15 35.68
CA GLY B 395 -35.44 -35.72 35.15
C GLY B 395 -35.98 -34.91 33.99
N TRP B 396 -35.96 -33.57 34.11
CA TRP B 396 -36.43 -32.63 33.06
C TRP B 396 -35.52 -32.71 31.83
N LEU B 397 -34.19 -32.74 32.04
CA LEU B 397 -33.18 -32.71 30.95
C LEU B 397 -33.34 -33.94 30.05
N CYS B 398 -33.31 -35.14 30.64
CA CYS B 398 -33.42 -36.45 29.93
C CYS B 398 -34.78 -36.53 29.22
N SER B 399 -35.84 -35.98 29.83
CA SER B 399 -37.21 -35.87 29.27
C SER B 399 -37.19 -34.97 28.03
N THR B 400 -36.52 -33.83 28.11
CA THR B 400 -36.40 -32.82 27.02
C THR B 400 -35.61 -33.41 25.85
N ILE B 401 -34.49 -34.07 26.15
CA ILE B 401 -33.54 -34.63 25.13
C ILE B 401 -34.13 -35.92 24.53
N GLY B 402 -34.77 -36.76 25.36
CA GLY B 402 -35.36 -38.05 24.96
C GLY B 402 -34.58 -39.24 25.51
N LEU B 403 -33.66 -39.00 26.45
CA LEU B 403 -32.88 -40.06 27.15
C LEU B 403 -33.74 -40.68 28.25
N ASN B 404 -33.21 -41.69 28.95
CA ASN B 404 -33.91 -42.46 30.02
C ASN B 404 -33.38 -42.06 31.40
N GLN B 405 -34.09 -41.15 32.07
CA GLN B 405 -33.92 -40.78 33.50
C GLN B 405 -32.43 -40.53 33.79
N ASP C 4 30.12 -3.13 -33.17
CA ASP C 4 29.07 -3.94 -32.45
C ASP C 4 27.88 -3.02 -32.11
N LYS C 5 26.66 -3.57 -32.19
CA LYS C 5 25.38 -2.85 -31.94
C LYS C 5 25.01 -2.93 -30.45
N GLU C 6 25.31 -4.04 -29.79
CA GLU C 6 24.85 -4.35 -28.41
C GLU C 6 25.52 -3.42 -27.39
N GLU C 7 26.78 -3.03 -27.63
CA GLU C 7 27.52 -2.06 -26.79
C GLU C 7 26.84 -0.69 -26.87
N LEU C 8 26.29 -0.33 -28.04
CA LEU C 8 25.64 0.97 -28.31
C LEU C 8 24.27 1.03 -27.63
N VAL C 9 23.51 -0.07 -27.67
CA VAL C 9 22.12 -0.16 -27.11
C VAL C 9 22.21 -0.28 -25.58
N GLN C 10 23.25 -0.93 -25.03
CA GLN C 10 23.49 -0.99 -23.56
C GLN C 10 23.90 0.40 -23.06
N ARG C 11 24.74 1.10 -23.83
CA ARG C 11 25.21 2.48 -23.51
C ARG C 11 24.02 3.44 -23.47
N ALA C 12 23.13 3.36 -24.47
CA ALA C 12 21.92 4.19 -24.60
C ALA C 12 20.94 3.88 -23.47
N LYS C 13 20.75 2.59 -23.17
CA LYS C 13 19.86 2.08 -22.09
C LYS C 13 20.39 2.53 -20.71
N LEU C 14 21.71 2.43 -20.50
CA LEU C 14 22.39 2.85 -19.25
C LEU C 14 22.21 4.36 -19.06
N ALA C 15 22.39 5.14 -20.13
CA ALA C 15 22.25 6.61 -20.13
C ALA C 15 20.79 7.02 -19.90
N GLU C 16 19.84 6.18 -20.34
CA GLU C 16 18.38 6.37 -20.11
C GLU C 16 18.06 6.18 -18.62
N GLN C 17 18.75 5.26 -17.95
CA GLN C 17 18.57 4.97 -16.49
C GLN C 17 19.11 6.13 -15.65
N ALA C 18 20.04 6.94 -16.20
CA ALA C 18 20.73 8.04 -15.49
C ALA C 18 19.99 9.37 -15.68
N GLU C 19 18.88 9.37 -16.43
CA GLU C 19 17.99 10.55 -16.66
C GLU C 19 18.77 11.65 -17.39
N ARG C 20 19.69 11.26 -18.28
CA ARG C 20 20.44 12.16 -19.20
C ARG C 20 19.98 11.85 -20.63
N TYR C 21 19.45 12.85 -21.34
CA TYR C 21 18.85 12.69 -22.70
C TYR C 21 19.60 13.57 -23.70
N ASP C 22 20.94 13.56 -23.62
CA ASP C 22 21.86 14.17 -24.61
C ASP C 22 22.82 13.09 -25.14
N ASP C 23 23.44 12.33 -24.23
CA ASP C 23 24.32 11.17 -24.56
C ASP C 23 23.46 10.04 -25.13
N MET C 24 22.23 9.89 -24.64
CA MET C 24 21.25 8.86 -25.11
C MET C 24 20.87 9.14 -26.57
N ALA C 25 20.47 10.38 -26.87
CA ALA C 25 20.03 10.83 -28.22
C ALA C 25 21.19 10.72 -29.22
N ALA C 26 22.41 11.06 -28.77
CA ALA C 26 23.66 10.99 -29.57
C ALA C 26 24.00 9.52 -29.88
N ALA C 27 23.83 8.63 -28.90
CA ALA C 27 24.11 7.18 -28.99
C ALA C 27 23.12 6.52 -29.98
N MET C 28 21.84 6.92 -29.94
CA MET C 28 20.75 6.31 -30.74
C MET C 28 20.77 6.87 -32.17
N LYS C 29 21.23 8.12 -32.34
CA LYS C 29 21.53 8.72 -33.67
C LYS C 29 22.69 7.93 -34.30
N GLU C 30 23.71 7.59 -33.50
CA GLU C 30 24.90 6.81 -33.93
C GLU C 30 24.47 5.39 -34.31
N VAL C 31 23.45 4.84 -33.64
CA VAL C 31 22.86 3.50 -33.94
C VAL C 31 22.19 3.55 -35.32
N THR C 32 21.32 4.53 -35.55
CA THR C 32 20.50 4.68 -36.79
C THR C 32 21.40 5.04 -37.98
N GLU C 33 22.52 5.72 -37.72
CA GLU C 33 23.49 6.17 -38.77
C GLU C 33 24.15 4.95 -39.44
N THR C 34 24.22 3.82 -38.74
CA THR C 34 24.76 2.53 -39.26
C THR C 34 23.88 2.04 -40.41
N GLY C 35 22.57 2.33 -40.36
CA GLY C 35 21.60 2.02 -41.41
C GLY C 35 21.18 0.56 -41.40
N VAL C 36 21.13 -0.04 -40.20
CA VAL C 36 20.64 -1.44 -39.97
C VAL C 36 19.23 -1.34 -39.35
N GLU C 37 18.33 -2.26 -39.69
CA GLU C 37 16.91 -2.25 -39.27
C GLU C 37 16.83 -2.63 -37.78
N LEU C 38 16.10 -1.83 -36.99
CA LEU C 38 15.95 -2.01 -35.52
C LEU C 38 15.03 -3.20 -35.22
N SER C 39 15.04 -3.65 -33.96
CA SER C 39 14.10 -4.64 -33.40
C SER C 39 12.82 -3.92 -32.93
N ASN C 40 11.98 -4.60 -32.15
CA ASN C 40 10.83 -3.99 -31.42
C ASN C 40 11.37 -3.21 -30.21
N GLU C 41 12.36 -3.77 -29.52
CA GLU C 41 12.93 -3.24 -28.25
C GLU C 41 13.71 -1.94 -28.51
N GLU C 42 14.61 -1.95 -29.52
CA GLU C 42 15.59 -0.87 -29.79
C GLU C 42 14.87 0.41 -30.23
N ARG C 43 13.64 0.29 -30.74
CA ARG C 43 12.83 1.39 -31.32
C ARG C 43 12.25 2.27 -30.22
N ASN C 44 11.68 1.66 -29.16
CA ASN C 44 11.00 2.38 -28.05
C ASN C 44 11.98 3.32 -27.36
N LEU C 45 13.24 2.91 -27.23
CA LEU C 45 14.35 3.73 -26.65
C LEU C 45 14.51 5.00 -27.49
N LEU C 46 14.58 4.86 -28.82
CA LEU C 46 14.76 5.97 -29.80
C LEU C 46 13.60 6.97 -29.67
N SER C 47 12.36 6.47 -29.59
CA SER C 47 11.13 7.30 -29.45
C SER C 47 11.15 8.05 -28.11
N VAL C 48 11.57 7.37 -27.03
CA VAL C 48 11.63 7.94 -25.64
C VAL C 48 12.68 9.06 -25.60
N ALA C 49 13.85 8.83 -26.19
CA ALA C 49 14.97 9.80 -26.25
C ALA C 49 14.50 11.09 -26.94
N TYR C 50 14.04 10.97 -28.19
CA TYR C 50 13.67 12.13 -29.05
C TYR C 50 12.27 12.66 -28.70
N LYS C 51 11.56 12.03 -27.76
CA LYS C 51 10.33 12.59 -27.16
C LYS C 51 10.71 13.46 -25.95
N ASN C 52 11.66 12.99 -25.13
CA ASN C 52 12.12 13.67 -23.89
C ASN C 52 12.86 14.97 -24.23
N VAL C 53 13.71 14.95 -25.27
CA VAL C 53 14.56 16.11 -25.68
C VAL C 53 13.66 17.25 -26.14
N VAL C 54 12.65 16.94 -26.96
CA VAL C 54 11.71 17.99 -27.46
C VAL C 54 10.78 18.40 -26.32
N GLY C 55 10.41 17.44 -25.48
CA GLY C 55 9.50 17.65 -24.33
C GLY C 55 10.03 18.70 -23.38
N ALA C 56 11.33 18.69 -23.08
CA ALA C 56 12.02 19.64 -22.19
C ALA C 56 11.97 21.05 -22.79
N ARG C 57 12.23 21.16 -24.11
CA ARG C 57 12.20 22.45 -24.86
C ARG C 57 10.74 22.93 -24.99
N ARG C 58 9.78 22.01 -25.13
CA ARG C 58 8.33 22.33 -25.21
C ARG C 58 7.89 23.01 -23.92
N SER C 59 8.23 22.43 -22.77
CA SER C 59 7.93 22.95 -21.41
C SER C 59 8.58 24.34 -21.23
N SER C 60 9.82 24.49 -21.70
CA SER C 60 10.60 25.77 -21.68
C SER C 60 9.89 26.82 -22.55
N TRP C 61 9.43 26.43 -23.75
CA TRP C 61 8.73 27.33 -24.71
C TRP C 61 7.41 27.81 -24.10
N ARG C 62 6.63 26.89 -23.52
CA ARG C 62 5.28 27.16 -22.95
C ARG C 62 5.37 28.19 -21.81
N VAL C 63 6.28 27.98 -20.87
CA VAL C 63 6.42 28.82 -19.64
C VAL C 63 7.04 30.18 -20.02
N ILE C 64 7.94 30.22 -21.01
CA ILE C 64 8.56 31.49 -21.52
C ILE C 64 7.48 32.31 -22.24
N SER C 65 6.62 31.65 -23.03
CA SER C 65 5.52 32.27 -23.82
C SER C 65 4.41 32.78 -22.87
N SER C 66 4.19 32.10 -21.75
CA SER C 66 3.21 32.49 -20.70
C SER C 66 3.70 33.76 -19.98
N ILE C 67 5.00 33.83 -19.67
CA ILE C 67 5.67 35.03 -19.06
C ILE C 67 5.60 36.19 -20.07
N GLU C 68 5.76 35.90 -21.37
CA GLU C 68 5.67 36.90 -22.47
C GLU C 68 4.25 37.49 -22.51
N GLN C 69 3.22 36.68 -22.25
CA GLN C 69 1.80 37.10 -22.23
C GLN C 69 1.42 37.62 -20.84
N LYS C 70 2.31 37.47 -19.85
CA LYS C 70 2.09 37.88 -18.43
C LYS C 70 2.61 39.31 -18.21
N THR C 71 3.78 39.65 -18.77
CA THR C 71 4.52 40.91 -18.52
C THR C 71 3.61 42.13 -18.79
N GLU C 72 3.10 42.27 -20.02
CA GLU C 72 2.16 43.34 -20.44
C GLU C 72 2.66 44.72 -19.97
N GLY C 73 3.87 45.08 -20.39
CA GLY C 73 4.45 46.43 -20.21
C GLY C 73 5.02 46.96 -21.53
N SER C 74 6.01 47.86 -21.45
CA SER C 74 6.78 48.38 -22.61
C SER C 74 8.23 48.64 -22.18
N GLU C 75 9.10 47.65 -22.36
CA GLU C 75 10.51 47.67 -21.89
C GLU C 75 11.32 46.65 -22.70
N ARG C 76 12.60 46.46 -22.33
CA ARG C 76 13.57 45.59 -23.05
C ARG C 76 13.42 44.13 -22.57
N LYS C 77 12.63 43.90 -21.51
CA LYS C 77 12.32 42.54 -20.97
C LYS C 77 11.58 41.73 -22.03
N GLN C 78 10.61 42.37 -22.72
CA GLN C 78 9.75 41.74 -23.76
C GLN C 78 10.60 41.43 -25.00
N GLN C 79 11.52 42.32 -25.36
CA GLN C 79 12.46 42.16 -26.50
C GLN C 79 13.44 41.02 -26.19
N MET C 80 13.92 40.94 -24.94
CA MET C 80 14.89 39.92 -24.48
C MET C 80 14.21 38.55 -24.37
N ALA C 81 12.98 38.52 -23.86
CA ALA C 81 12.14 37.30 -23.74
C ALA C 81 11.81 36.76 -25.15
N LYS C 82 11.62 37.66 -26.12
CA LYS C 82 11.40 37.31 -27.55
C LYS C 82 12.71 36.73 -28.12
N GLU C 83 13.86 37.30 -27.74
CA GLU C 83 15.21 36.82 -28.15
C GLU C 83 15.44 35.42 -27.59
N TYR C 84 14.99 35.17 -26.35
CA TYR C 84 15.12 33.85 -25.67
C TYR C 84 14.13 32.85 -26.28
N ARG C 85 12.96 33.33 -26.72
CA ARG C 85 11.92 32.49 -27.37
C ARG C 85 12.42 32.01 -28.73
N VAL C 86 12.96 32.92 -29.56
CA VAL C 86 13.48 32.60 -30.92
C VAL C 86 14.74 31.74 -30.80
N LYS C 87 15.50 31.91 -29.70
CA LYS C 87 16.70 31.07 -29.40
C LYS C 87 16.26 29.62 -29.18
N VAL C 88 15.38 29.38 -28.20
CA VAL C 88 14.91 28.02 -27.80
C VAL C 88 14.06 27.42 -28.93
N GLU C 89 13.36 28.27 -29.69
CA GLU C 89 12.55 27.87 -30.88
C GLU C 89 13.49 27.32 -31.97
N LYS C 90 14.63 27.99 -32.19
CA LYS C 90 15.65 27.58 -33.19
C LYS C 90 16.31 26.28 -32.73
N GLU C 91 16.58 26.15 -31.43
CA GLU C 91 17.10 24.91 -30.79
C GLU C 91 16.07 23.79 -31.00
N LEU C 92 14.79 24.10 -30.78
CA LEU C 92 13.63 23.19 -31.00
C LEU C 92 13.57 22.75 -32.46
N ARG C 93 13.81 23.68 -33.40
CA ARG C 93 13.80 23.43 -34.86
C ARG C 93 14.96 22.49 -35.24
N GLU C 94 16.14 22.71 -34.66
CA GLU C 94 17.39 21.95 -34.96
C GLU C 94 17.22 20.48 -34.56
N ILE C 95 16.55 20.21 -33.43
CA ILE C 95 16.34 18.83 -32.89
C ILE C 95 15.39 18.09 -33.84
N CYS C 96 14.24 18.68 -34.15
CA CYS C 96 13.16 18.08 -34.98
C CYS C 96 13.66 17.79 -36.40
N TYR C 97 14.54 18.65 -36.94
CA TYR C 97 15.13 18.50 -38.30
C TYR C 97 16.17 17.38 -38.30
N ASP C 98 16.89 17.21 -37.18
CA ASP C 98 17.86 16.09 -36.98
C ASP C 98 17.08 14.77 -36.95
N VAL C 99 15.91 14.75 -36.31
CA VAL C 99 15.03 13.55 -36.16
C VAL C 99 14.53 13.13 -37.55
N LEU C 100 13.91 14.06 -38.28
CA LEU C 100 13.28 13.82 -39.61
C LEU C 100 14.36 13.48 -40.65
N GLY C 101 15.56 14.05 -40.50
CA GLY C 101 16.75 13.72 -41.31
C GLY C 101 17.22 12.30 -41.05
N LEU C 102 17.13 11.85 -39.79
CA LEU C 102 17.53 10.48 -39.34
C LEU C 102 16.41 9.48 -39.64
N LEU C 103 15.17 9.95 -39.86
CA LEU C 103 13.97 9.08 -39.99
C LEU C 103 13.71 8.72 -41.47
N ASP C 104 13.73 9.72 -42.36
CA ASP C 104 13.28 9.58 -43.78
C ASP C 104 14.44 9.06 -44.67
N LYS C 105 15.58 8.69 -44.09
CA LYS C 105 16.80 8.30 -44.84
C LYS C 105 17.27 6.88 -44.50
N HIS C 106 16.87 6.32 -43.36
CA HIS C 106 17.33 4.98 -42.89
C HIS C 106 16.18 4.06 -42.47
N LEU C 107 15.03 4.59 -42.04
CA LEU C 107 14.00 3.78 -41.33
C LEU C 107 12.69 3.67 -42.14
N ILE C 108 12.10 4.76 -42.61
CA ILE C 108 10.77 4.73 -43.31
C ILE C 108 10.91 4.01 -44.66
N PRO C 109 11.90 4.36 -45.54
CA PRO C 109 12.03 3.68 -46.83
C PRO C 109 12.47 2.21 -46.73
N LYS C 110 13.10 1.83 -45.61
CA LYS C 110 13.49 0.43 -45.29
C LYS C 110 12.73 -0.04 -44.05
N ALA C 111 11.43 -0.33 -44.22
CA ALA C 111 10.48 -0.76 -43.16
C ALA C 111 9.66 -1.96 -43.66
N SER C 112 10.13 -3.17 -43.37
CA SER C 112 9.52 -4.46 -43.83
C SER C 112 8.18 -4.69 -43.11
N ASN C 113 8.14 -4.46 -41.79
CA ASN C 113 6.95 -4.65 -40.94
C ASN C 113 5.97 -3.51 -41.16
N PRO C 114 4.70 -3.77 -41.55
CA PRO C 114 3.70 -2.72 -41.66
C PRO C 114 3.38 -2.04 -40.31
N GLU C 115 3.42 -2.80 -39.21
CA GLU C 115 3.29 -2.29 -37.81
C GLU C 115 4.35 -1.21 -37.57
N SER C 116 5.60 -1.47 -37.97
CA SER C 116 6.75 -0.53 -37.89
C SER C 116 6.47 0.72 -38.74
N LYS C 117 5.81 0.55 -39.89
CA LYS C 117 5.45 1.65 -40.82
C LYS C 117 4.43 2.58 -40.15
N VAL C 118 3.46 2.02 -39.42
CA VAL C 118 2.43 2.81 -38.66
C VAL C 118 3.14 3.57 -37.54
N PHE C 119 4.16 2.95 -36.92
CA PHE C 119 4.94 3.52 -35.79
C PHE C 119 5.73 4.75 -36.26
N TYR C 120 6.49 4.62 -37.34
CA TYR C 120 7.42 5.66 -37.87
C TYR C 120 6.63 6.81 -38.50
N LEU C 121 5.47 6.51 -39.10
CA LEU C 121 4.57 7.53 -39.71
C LEU C 121 3.82 8.28 -38.59
N LYS C 122 3.56 7.62 -37.47
CA LYS C 122 2.96 8.24 -36.25
C LYS C 122 3.98 9.23 -35.65
N MET C 123 5.25 8.82 -35.56
CA MET C 123 6.38 9.66 -35.08
C MET C 123 6.56 10.87 -36.00
N LYS C 124 6.53 10.65 -37.32
CA LYS C 124 6.70 11.70 -38.36
C LYS C 124 5.59 12.74 -38.21
N GLY C 125 4.34 12.30 -38.04
CA GLY C 125 3.20 13.23 -37.86
C GLY C 125 3.32 13.98 -36.55
N ASP C 126 3.85 13.30 -35.52
CA ASP C 126 4.04 13.89 -34.16
C ASP C 126 5.02 15.07 -34.25
N TYR C 127 6.16 14.89 -34.92
CA TYR C 127 7.28 15.88 -34.97
C TYR C 127 6.93 17.03 -35.91
N TYR C 128 6.06 16.79 -36.91
CA TYR C 128 5.53 17.84 -37.81
C TYR C 128 4.50 18.69 -37.05
N ARG C 129 3.76 18.08 -36.11
CA ARG C 129 2.82 18.80 -35.20
C ARG C 129 3.63 19.61 -34.18
N TYR C 130 4.78 19.10 -33.74
CA TYR C 130 5.73 19.75 -32.80
C TYR C 130 6.30 21.03 -33.43
N LEU C 131 6.55 20.99 -34.75
CA LEU C 131 7.04 22.16 -35.54
C LEU C 131 5.87 23.06 -35.93
N ALA C 132 4.65 22.50 -36.04
CA ALA C 132 3.42 23.21 -36.44
C ALA C 132 2.98 24.19 -35.34
N GLU C 133 3.08 23.79 -34.07
CA GLU C 133 2.55 24.56 -32.90
C GLU C 133 3.41 25.80 -32.64
N VAL C 134 4.68 25.81 -33.09
CA VAL C 134 5.68 26.85 -32.71
C VAL C 134 5.88 27.85 -33.86
N ALA C 135 6.04 27.37 -35.10
CA ALA C 135 6.28 28.21 -36.30
C ALA C 135 4.95 28.81 -36.77
N THR C 136 4.78 30.13 -36.60
CA THR C 136 3.56 30.89 -36.97
C THR C 136 3.88 31.83 -38.15
N GLY C 137 3.19 31.64 -39.29
CA GLY C 137 3.38 32.44 -40.51
C GLY C 137 2.92 31.69 -41.75
N GLU C 138 3.71 31.74 -42.83
CA GLU C 138 3.44 31.07 -44.12
C GLU C 138 3.92 29.61 -44.07
N THR C 139 5.00 29.36 -43.32
CA THR C 139 5.68 28.03 -43.20
C THR C 139 4.81 27.05 -42.41
N ARG C 140 3.83 27.55 -41.65
CA ARG C 140 2.84 26.73 -40.90
C ARG C 140 2.09 25.80 -41.86
N ASN C 141 1.61 26.35 -42.99
CA ASN C 141 0.68 25.68 -43.93
C ASN C 141 1.37 24.50 -44.63
N SER C 142 2.71 24.50 -44.69
CA SER C 142 3.53 23.41 -45.29
C SER C 142 3.54 22.19 -44.34
N VAL C 143 3.96 22.40 -43.09
CA VAL C 143 4.18 21.32 -42.08
C VAL C 143 2.83 20.78 -41.58
N VAL C 144 1.78 21.61 -41.55
CA VAL C 144 0.40 21.21 -41.16
C VAL C 144 -0.12 20.19 -42.18
N GLU C 145 0.05 20.48 -43.47
CA GLU C 145 -0.37 19.60 -44.60
C GLU C 145 0.53 18.36 -44.65
N ASP C 146 1.79 18.49 -44.23
CA ASP C 146 2.78 17.37 -44.21
C ASP C 146 2.38 16.37 -43.12
N SER C 147 2.06 16.86 -41.92
CA SER C 147 1.53 16.06 -40.78
C SER C 147 0.19 15.42 -41.15
N GLN C 148 -0.64 16.16 -41.89
CA GLN C 148 -1.98 15.73 -42.37
C GLN C 148 -1.82 14.48 -43.25
N LYS C 149 -0.91 14.53 -44.24
CA LYS C 149 -0.60 13.41 -45.17
C LYS C 149 -0.05 12.22 -44.38
N ALA C 150 0.88 12.48 -43.45
CA ALA C 150 1.58 11.47 -42.63
C ALA C 150 0.57 10.69 -41.77
N TYR C 151 -0.35 11.40 -41.11
CA TYR C 151 -1.37 10.81 -40.20
C TYR C 151 -2.44 10.07 -41.03
N GLN C 152 -2.85 10.64 -42.17
CA GLN C 152 -3.81 9.99 -43.12
C GLN C 152 -3.21 8.69 -43.64
N ASP C 153 -1.90 8.70 -44.00
CA ASP C 153 -1.14 7.52 -44.47
C ASP C 153 -1.14 6.46 -43.37
N ALA C 154 -0.90 6.86 -42.12
CA ALA C 154 -0.87 5.99 -40.92
C ALA C 154 -2.28 5.47 -40.62
N PHE C 155 -3.30 6.31 -40.79
CA PHE C 155 -4.72 6.02 -40.45
C PHE C 155 -5.30 4.97 -41.41
N GLU C 156 -4.85 4.96 -42.67
CA GLU C 156 -5.28 3.99 -43.72
C GLU C 156 -4.81 2.58 -43.34
N ILE C 157 -3.55 2.46 -42.88
CA ILE C 157 -2.90 1.16 -42.55
C ILE C 157 -3.39 0.69 -41.17
N SER C 158 -3.77 1.64 -40.29
CA SER C 158 -4.39 1.38 -38.97
C SER C 158 -5.78 0.75 -39.17
N LYS C 159 -6.59 1.35 -40.05
CA LYS C 159 -7.97 0.89 -40.38
C LYS C 159 -7.90 -0.45 -41.12
N ALA C 160 -6.83 -0.69 -41.89
CA ALA C 160 -6.64 -1.90 -42.74
C ALA C 160 -6.18 -3.08 -41.88
N LYS C 161 -4.95 -3.03 -41.37
CA LYS C 161 -4.21 -4.19 -40.80
C LYS C 161 -3.69 -3.87 -39.40
N MET C 162 -4.59 -3.44 -38.49
CA MET C 162 -4.30 -3.28 -37.04
C MET C 162 -5.53 -3.70 -36.23
N GLN C 163 -5.34 -3.93 -34.92
CA GLN C 163 -6.40 -4.30 -33.96
C GLN C 163 -7.05 -3.03 -33.43
N PRO C 164 -8.38 -3.03 -33.18
CA PRO C 164 -9.04 -1.90 -32.51
C PRO C 164 -8.61 -1.72 -31.04
N THR C 165 -7.78 -2.63 -30.52
CA THR C 165 -7.29 -2.63 -29.10
C THR C 165 -5.75 -2.64 -29.05
N HIS C 166 -5.06 -2.37 -30.17
CA HIS C 166 -3.58 -2.28 -30.23
C HIS C 166 -3.13 -0.93 -29.70
N PRO C 167 -2.01 -0.85 -28.94
CA PRO C 167 -1.50 0.43 -28.44
C PRO C 167 -1.20 1.47 -29.54
N ILE C 168 -0.66 1.03 -30.68
CA ILE C 168 -0.14 1.92 -31.76
C ILE C 168 -1.31 2.63 -32.47
N ARG C 169 -2.36 1.89 -32.84
CA ARG C 169 -3.57 2.44 -33.50
C ARG C 169 -4.26 3.44 -32.55
N LEU C 170 -4.30 3.13 -31.25
CA LEU C 170 -4.87 4.00 -30.19
C LEU C 170 -4.01 5.25 -30.03
N GLY C 171 -2.69 5.11 -30.11
CA GLY C 171 -1.78 6.27 -30.03
C GLY C 171 -1.97 7.18 -31.23
N LEU C 172 -2.07 6.58 -32.42
CA LEU C 172 -2.31 7.32 -33.68
C LEU C 172 -3.63 8.11 -33.57
N ALA C 173 -4.70 7.42 -33.16
CA ALA C 173 -6.05 8.00 -32.96
C ALA C 173 -5.99 9.16 -31.97
N LEU C 174 -5.18 9.03 -30.92
CA LEU C 174 -5.04 10.04 -29.83
C LEU C 174 -4.30 11.27 -30.38
N ASN C 175 -3.13 11.07 -31.00
CA ASN C 175 -2.27 12.15 -31.56
C ASN C 175 -3.01 12.87 -32.69
N PHE C 176 -3.76 12.13 -33.51
CA PHE C 176 -4.50 12.65 -34.70
C PHE C 176 -5.74 13.43 -34.23
N SER C 177 -6.33 13.06 -33.09
CA SER C 177 -7.51 13.74 -32.48
C SER C 177 -7.07 15.07 -31.87
N VAL C 178 -5.93 15.10 -31.17
CA VAL C 178 -5.36 16.32 -30.53
C VAL C 178 -4.79 17.23 -31.64
N PHE C 179 -4.34 16.65 -32.75
CA PHE C 179 -3.93 17.41 -33.97
C PHE C 179 -5.14 18.18 -34.50
N TYR C 180 -6.29 17.51 -34.60
CA TYR C 180 -7.56 18.09 -35.11
C TYR C 180 -8.05 19.21 -34.18
N TYR C 181 -7.87 19.06 -32.88
CA TYR C 181 -8.39 20.01 -31.86
C TYR C 181 -7.50 21.26 -31.78
N GLU C 182 -6.17 21.07 -31.71
CA GLU C 182 -5.20 22.14 -31.38
C GLU C 182 -4.78 22.90 -32.64
N ILE C 183 -4.38 22.18 -33.70
CA ILE C 183 -3.77 22.78 -34.93
C ILE C 183 -4.89 23.34 -35.83
N LEU C 184 -5.88 22.52 -36.17
CA LEU C 184 -6.92 22.85 -37.18
C LEU C 184 -8.17 23.45 -36.52
N ASN C 185 -8.37 23.21 -35.21
CA ASN C 185 -9.45 23.83 -34.39
C ASN C 185 -10.82 23.48 -34.97
N SER C 186 -11.00 22.23 -35.40
CA SER C 186 -12.30 21.63 -35.79
C SER C 186 -12.68 20.57 -34.77
N PRO C 187 -13.21 20.96 -33.58
CA PRO C 187 -13.46 20.02 -32.50
C PRO C 187 -14.61 19.04 -32.79
N ASP C 188 -15.46 19.35 -33.76
CA ASP C 188 -16.60 18.51 -34.20
C ASP C 188 -16.08 17.18 -34.77
N LYS C 189 -15.08 17.22 -35.65
CA LYS C 189 -14.51 16.02 -36.32
C LYS C 189 -13.57 15.30 -35.35
N ALA C 190 -12.94 16.04 -34.42
CA ALA C 190 -12.11 15.50 -33.33
C ALA C 190 -12.98 14.73 -32.34
N CYS C 191 -14.15 15.27 -31.99
CA CYS C 191 -15.18 14.65 -31.12
C CYS C 191 -15.69 13.36 -31.76
N GLN C 192 -16.10 13.44 -33.03
CA GLN C 192 -16.56 12.29 -33.87
C GLN C 192 -15.48 11.20 -33.89
N LEU C 193 -14.24 11.59 -34.18
CA LEU C 193 -13.06 10.69 -34.36
C LEU C 193 -12.77 9.95 -33.04
N ALA C 194 -12.64 10.68 -31.94
CA ALA C 194 -12.29 10.16 -30.60
C ALA C 194 -13.41 9.24 -30.09
N LYS C 195 -14.68 9.61 -30.31
CA LYS C 195 -15.87 8.81 -29.93
C LYS C 195 -15.87 7.49 -30.72
N GLN C 196 -15.60 7.55 -32.04
CA GLN C 196 -15.57 6.36 -32.93
C GLN C 196 -14.43 5.42 -32.49
N ALA C 197 -13.23 5.97 -32.31
CA ALA C 197 -12.01 5.23 -31.88
C ALA C 197 -12.23 4.59 -30.51
N PHE C 198 -12.98 5.26 -29.63
CA PHE C 198 -13.29 4.80 -28.24
C PHE C 198 -14.34 3.69 -28.29
N ASP C 199 -15.31 3.81 -29.20
CA ASP C 199 -16.39 2.79 -29.34
C ASP C 199 -15.77 1.48 -29.84
N ASP C 200 -15.06 1.53 -30.97
CA ASP C 200 -14.41 0.33 -31.55
C ASP C 200 -13.44 -0.26 -30.51
N ALA C 201 -12.86 0.60 -29.67
CA ALA C 201 -11.91 0.16 -28.61
C ALA C 201 -12.64 -0.71 -27.58
N ILE C 202 -13.95 -0.56 -27.44
CA ILE C 202 -14.81 -1.30 -26.46
C ILE C 202 -15.08 -2.72 -26.98
N ALA C 203 -15.32 -2.88 -28.28
CA ALA C 203 -15.73 -4.14 -28.95
C ALA C 203 -14.89 -5.32 -28.45
N GLU C 204 -13.56 -5.27 -28.68
CA GLU C 204 -12.61 -6.34 -28.31
C GLU C 204 -11.93 -5.98 -26.97
N LEU C 205 -12.73 -5.86 -25.91
CA LEU C 205 -12.23 -5.62 -24.51
C LEU C 205 -11.79 -6.95 -23.92
N ASP C 206 -12.43 -8.05 -24.31
CA ASP C 206 -12.09 -9.44 -23.92
C ASP C 206 -10.69 -9.79 -24.43
N THR C 207 -10.37 -9.40 -25.67
CA THR C 207 -9.04 -9.62 -26.32
C THR C 207 -8.05 -8.60 -25.76
N LEU C 208 -7.57 -8.84 -24.52
CA LEU C 208 -6.54 -8.01 -23.84
C LEU C 208 -5.53 -8.96 -23.17
N ASN C 209 -4.44 -9.29 -23.89
CA ASN C 209 -3.34 -10.15 -23.38
C ASN C 209 -2.42 -9.30 -22.51
N GLU C 210 -1.52 -9.96 -21.76
CA GLU C 210 -0.63 -9.36 -20.74
C GLU C 210 0.36 -8.39 -21.40
N ASP C 211 0.75 -8.64 -22.66
CA ASP C 211 1.77 -7.87 -23.41
C ASP C 211 1.47 -6.36 -23.31
N SER C 212 0.20 -5.97 -23.41
CA SER C 212 -0.26 -4.56 -23.33
C SER C 212 -1.68 -4.48 -22.76
N TYR C 213 -1.79 -4.45 -21.42
CA TYR C 213 -3.03 -4.09 -20.68
C TYR C 213 -2.90 -2.66 -20.14
N LYS C 214 -1.71 -2.32 -19.62
CA LYS C 214 -1.41 -0.99 -19.00
C LYS C 214 -1.51 0.10 -20.09
N ASP C 215 -0.79 -0.08 -21.20
CA ASP C 215 -0.77 0.87 -22.35
C ASP C 215 -2.20 1.07 -22.86
N SER C 216 -2.91 -0.04 -23.13
CA SER C 216 -4.29 -0.06 -23.71
C SER C 216 -5.25 0.77 -22.85
N THR C 217 -5.32 0.48 -21.54
CA THR C 217 -6.23 1.15 -20.57
C THR C 217 -5.75 2.58 -20.30
N LEU C 218 -4.45 2.85 -20.45
CA LEU C 218 -3.83 4.18 -20.19
C LEU C 218 -4.23 5.15 -21.32
N ILE C 219 -4.18 4.71 -22.58
CA ILE C 219 -4.61 5.51 -23.76
C ILE C 219 -6.14 5.62 -23.73
N MET C 220 -6.82 4.61 -23.17
CA MET C 220 -8.31 4.54 -23.06
C MET C 220 -8.81 5.66 -22.14
N GLN C 221 -8.25 5.76 -20.93
CA GLN C 221 -8.64 6.77 -19.90
C GLN C 221 -8.22 8.17 -20.35
N LEU C 222 -7.12 8.28 -21.10
CA LEU C 222 -6.63 9.56 -21.68
C LEU C 222 -7.59 10.01 -22.79
N LEU C 223 -8.09 9.08 -23.60
CA LEU C 223 -9.12 9.34 -24.65
C LEU C 223 -10.40 9.85 -24.00
N ARG C 224 -10.83 9.24 -22.89
CA ARG C 224 -12.06 9.62 -22.12
C ARG C 224 -11.87 11.01 -21.52
N ASP C 225 -10.68 11.31 -20.99
CA ASP C 225 -10.35 12.64 -20.37
C ASP C 225 -10.40 13.73 -21.44
N ASN C 226 -9.87 13.46 -22.63
CA ASN C 226 -9.87 14.40 -23.79
C ASN C 226 -11.31 14.62 -24.28
N LEU C 227 -12.11 13.56 -24.32
CA LEU C 227 -13.55 13.61 -24.73
C LEU C 227 -14.32 14.52 -23.76
N THR C 228 -14.19 14.28 -22.45
CA THR C 228 -14.93 14.99 -21.37
C THR C 228 -14.50 16.47 -21.33
N LEU C 229 -13.27 16.78 -21.74
CA LEU C 229 -12.76 18.17 -21.86
C LEU C 229 -13.47 18.87 -23.03
N TRP C 230 -13.62 18.18 -24.17
CA TRP C 230 -14.05 18.76 -25.47
C TRP C 230 -15.57 18.84 -25.59
N THR C 231 -16.31 17.95 -24.91
CA THR C 231 -17.80 17.92 -24.93
C THR C 231 -18.37 19.00 -23.99
N SER C 232 -17.51 19.67 -23.20
CA SER C 232 -17.87 20.80 -22.30
C SER C 232 -18.03 22.09 -23.14
N ASP D 4 21.85 47.67 -17.22
CA ASP D 4 22.55 46.50 -17.85
C ASP D 4 22.45 45.28 -16.92
N LYS D 5 22.87 45.44 -15.66
CA LYS D 5 22.87 44.36 -14.62
C LYS D 5 21.45 43.79 -14.47
N GLU D 6 20.46 44.66 -14.28
CA GLU D 6 19.04 44.29 -14.03
C GLU D 6 18.49 43.45 -15.19
N GLU D 7 18.97 43.69 -16.41
CA GLU D 7 18.58 42.93 -17.65
C GLU D 7 19.08 41.49 -17.56
N LEU D 8 20.30 41.29 -17.03
CA LEU D 8 20.99 39.98 -16.95
C LEU D 8 20.45 39.18 -15.76
N VAL D 9 20.03 39.88 -14.69
CA VAL D 9 19.35 39.28 -13.50
C VAL D 9 17.93 38.86 -13.90
N GLN D 10 17.26 39.67 -14.75
CA GLN D 10 15.92 39.35 -15.32
C GLN D 10 16.04 38.10 -16.19
N ARG D 11 17.11 37.98 -16.99
CA ARG D 11 17.39 36.81 -17.87
C ARG D 11 17.62 35.58 -16.99
N ALA D 12 18.36 35.72 -15.88
CA ALA D 12 18.70 34.64 -14.93
C ALA D 12 17.43 34.11 -14.25
N LYS D 13 16.54 35.01 -13.82
CA LYS D 13 15.21 34.68 -13.25
C LYS D 13 14.38 33.92 -14.29
N LEU D 14 14.36 34.44 -15.53
CA LEU D 14 13.59 33.89 -16.67
C LEU D 14 14.10 32.48 -17.01
N ALA D 15 15.41 32.25 -16.88
CA ALA D 15 16.07 30.93 -17.07
C ALA D 15 15.67 29.99 -15.93
N GLU D 16 15.51 30.52 -14.72
CA GLU D 16 15.14 29.75 -13.49
C GLU D 16 13.70 29.24 -13.63
N GLN D 17 12.78 30.09 -14.11
CA GLN D 17 11.34 29.75 -14.32
C GLN D 17 11.22 28.75 -15.47
N ALA D 18 12.16 28.77 -16.44
CA ALA D 18 12.16 27.94 -17.66
C ALA D 18 12.89 26.61 -17.43
N GLU D 19 13.44 26.39 -16.23
CA GLU D 19 14.02 25.10 -15.76
C GLU D 19 15.38 24.80 -16.41
N ARG D 20 15.76 25.51 -17.47
CA ARG D 20 17.12 25.47 -18.10
C ARG D 20 18.12 26.14 -17.15
N TYR D 21 19.11 25.38 -16.67
CA TYR D 21 20.01 25.77 -15.54
C TYR D 21 21.41 26.14 -16.04
N ASP D 22 21.87 25.57 -17.15
CA ASP D 22 23.22 25.84 -17.73
C ASP D 22 23.27 27.29 -18.22
N ASP D 23 22.14 27.83 -18.70
CA ASP D 23 21.99 29.23 -19.14
C ASP D 23 22.07 30.16 -17.92
N MET D 24 21.47 29.76 -16.80
CA MET D 24 21.46 30.54 -15.53
C MET D 24 22.88 30.54 -14.91
N ALA D 25 23.57 29.39 -14.97
CA ALA D 25 24.95 29.22 -14.46
C ALA D 25 25.89 30.19 -15.19
N ALA D 26 25.78 30.28 -16.52
CA ALA D 26 26.57 31.17 -17.40
C ALA D 26 26.15 32.63 -17.18
N ALA D 27 24.85 32.88 -17.02
CA ALA D 27 24.25 34.24 -16.93
C ALA D 27 24.58 34.89 -15.58
N MET D 28 24.88 34.10 -14.54
CA MET D 28 25.25 34.61 -13.19
C MET D 28 26.77 34.65 -13.04
N LYS D 29 27.50 33.75 -13.71
CA LYS D 29 28.99 33.72 -13.71
C LYS D 29 29.52 34.98 -14.40
N GLU D 30 28.88 35.40 -15.50
CA GLU D 30 29.26 36.62 -16.28
C GLU D 30 28.95 37.89 -15.47
N VAL D 31 27.97 37.84 -14.56
CA VAL D 31 27.58 39.00 -13.69
C VAL D 31 28.60 39.14 -12.56
N THR D 32 28.94 38.04 -11.88
CA THR D 32 29.94 38.01 -10.78
C THR D 32 31.36 38.17 -11.35
N GLU D 33 31.54 37.94 -12.66
CA GLU D 33 32.84 38.12 -13.37
C GLU D 33 33.27 39.58 -13.34
N THR D 34 32.32 40.52 -13.31
CA THR D 34 32.57 41.99 -13.32
C THR D 34 33.16 42.43 -11.98
N GLY D 35 32.52 42.04 -10.87
CA GLY D 35 32.86 42.48 -9.50
C GLY D 35 31.88 43.52 -8.99
N VAL D 36 30.61 43.41 -9.37
CA VAL D 36 29.50 44.33 -8.95
C VAL D 36 29.14 43.99 -7.49
N GLU D 37 28.73 45.00 -6.71
CA GLU D 37 28.24 44.84 -5.32
C GLU D 37 27.10 43.81 -5.32
N LEU D 38 27.33 42.64 -4.71
CA LEU D 38 26.39 41.49 -4.73
C LEU D 38 25.49 41.54 -3.48
N SER D 39 24.18 41.76 -3.69
CA SER D 39 23.15 41.84 -2.63
C SER D 39 22.60 40.45 -2.32
N ASN D 40 21.51 40.37 -1.55
CA ASN D 40 20.92 39.11 -1.01
C ASN D 40 20.41 38.23 -2.15
N GLU D 41 19.44 38.74 -2.92
CA GLU D 41 18.76 38.01 -4.04
C GLU D 41 19.77 37.64 -5.12
N GLU D 42 20.76 38.51 -5.38
CA GLU D 42 21.72 38.40 -6.51
C GLU D 42 22.66 37.21 -6.26
N ARG D 43 23.10 37.00 -5.02
CA ARG D 43 23.97 35.85 -4.62
C ARG D 43 23.10 34.59 -4.42
N ASN D 44 21.81 34.76 -4.11
CA ASN D 44 20.86 33.66 -3.81
C ASN D 44 20.56 32.89 -5.11
N LEU D 45 20.36 33.60 -6.23
CA LEU D 45 20.11 32.99 -7.56
C LEU D 45 21.35 32.19 -8.01
N LEU D 46 22.55 32.73 -7.77
CA LEU D 46 23.85 32.07 -8.06
C LEU D 46 23.94 30.76 -7.26
N SER D 47 23.57 30.81 -5.98
CA SER D 47 23.57 29.65 -5.04
C SER D 47 22.63 28.55 -5.55
N VAL D 48 21.44 28.93 -6.02
CA VAL D 48 20.42 28.02 -6.60
C VAL D 48 20.98 27.38 -7.87
N ALA D 49 21.54 28.18 -8.78
CA ALA D 49 22.07 27.76 -10.09
C ALA D 49 23.16 26.70 -9.89
N TYR D 50 24.22 27.02 -9.15
CA TYR D 50 25.41 26.16 -8.95
C TYR D 50 25.10 24.99 -8.01
N LYS D 51 23.96 25.02 -7.31
CA LYS D 51 23.45 23.87 -6.51
C LYS D 51 22.86 22.83 -7.46
N ASN D 52 21.90 23.24 -8.29
CA ASN D 52 21.08 22.36 -9.17
C ASN D 52 21.97 21.68 -10.22
N VAL D 53 22.90 22.44 -10.83
CA VAL D 53 23.71 22.00 -12.01
C VAL D 53 24.64 20.86 -11.59
N VAL D 54 25.33 20.99 -10.45
CA VAL D 54 26.24 19.93 -9.90
C VAL D 54 25.40 18.81 -9.29
N GLY D 55 24.25 19.15 -8.69
CA GLY D 55 23.34 18.21 -8.02
C GLY D 55 22.79 17.16 -8.96
N ALA D 56 22.41 17.56 -10.18
CA ALA D 56 21.83 16.69 -11.24
C ALA D 56 22.87 15.65 -11.68
N ARG D 57 24.12 16.07 -11.90
CA ARG D 57 25.26 15.20 -12.32
C ARG D 57 25.67 14.30 -11.15
N ARG D 58 25.55 14.78 -9.91
CA ARG D 58 25.91 14.04 -8.68
C ARG D 58 24.93 12.87 -8.48
N SER D 59 23.64 13.11 -8.72
CA SER D 59 22.62 12.05 -8.60
C SER D 59 22.84 11.01 -9.71
N SER D 60 23.19 11.49 -10.91
CA SER D 60 23.46 10.59 -12.06
C SER D 60 24.67 9.70 -11.75
N TRP D 61 25.70 10.28 -11.13
CA TRP D 61 26.92 9.50 -10.75
C TRP D 61 26.54 8.46 -9.70
N ARG D 62 25.67 8.86 -8.76
CA ARG D 62 25.19 7.94 -7.68
C ARG D 62 24.49 6.73 -8.31
N VAL D 63 23.70 6.95 -9.36
CA VAL D 63 22.95 5.88 -10.10
C VAL D 63 23.95 5.01 -10.88
N ILE D 64 24.91 5.63 -11.57
CA ILE D 64 25.92 4.92 -12.41
C ILE D 64 26.82 4.05 -11.52
N SER D 65 27.23 4.57 -10.34
CA SER D 65 28.09 3.86 -9.36
C SER D 65 27.33 2.70 -8.72
N SER D 66 26.02 2.83 -8.52
CA SER D 66 25.13 1.78 -7.96
C SER D 66 24.97 0.65 -8.99
N ILE D 67 24.73 1.01 -10.27
CA ILE D 67 24.53 0.05 -11.39
C ILE D 67 25.85 -0.66 -11.71
N GLU D 68 26.99 -0.01 -11.45
CA GLU D 68 28.36 -0.58 -11.61
C GLU D 68 28.52 -1.80 -10.69
N GLN D 69 27.90 -1.77 -9.51
CA GLN D 69 28.12 -2.76 -8.42
C GLN D 69 26.90 -3.67 -8.24
N LYS D 70 26.05 -3.81 -9.26
CA LYS D 70 24.82 -4.64 -9.20
C LYS D 70 25.18 -6.12 -9.30
N THR D 71 26.04 -6.49 -10.26
CA THR D 71 26.58 -7.86 -10.44
C THR D 71 28.05 -7.78 -10.91
N GLU D 72 28.97 -8.34 -10.12
CA GLU D 72 30.43 -8.41 -10.42
C GLU D 72 30.72 -9.74 -11.14
N GLY D 73 29.95 -10.79 -10.84
CA GLY D 73 30.02 -12.09 -11.54
C GLY D 73 29.37 -11.86 -12.89
N SER D 74 30.11 -11.24 -13.81
CA SER D 74 29.64 -10.86 -15.17
C SER D 74 30.83 -10.59 -16.10
N GLU D 75 30.56 -10.24 -17.36
CA GLU D 75 31.56 -10.01 -18.43
C GLU D 75 32.07 -8.56 -18.34
N ARG D 76 32.79 -8.10 -19.37
CA ARG D 76 33.38 -6.74 -19.49
C ARG D 76 32.26 -5.81 -19.96
N LYS D 77 31.06 -5.89 -19.37
CA LYS D 77 29.96 -4.90 -19.52
C LYS D 77 30.15 -3.81 -18.47
N GLN D 78 30.81 -4.15 -17.35
CA GLN D 78 31.23 -3.21 -16.27
C GLN D 78 32.38 -2.33 -16.77
N GLN D 79 33.21 -2.86 -17.68
CA GLN D 79 34.41 -2.17 -18.24
C GLN D 79 33.99 -0.82 -18.82
N MET D 80 33.01 -0.81 -19.73
CA MET D 80 32.52 0.40 -20.43
C MET D 80 31.78 1.34 -19.46
N ALA D 81 31.24 0.80 -18.36
CA ALA D 81 30.44 1.54 -17.36
C ALA D 81 31.33 2.48 -16.53
N LYS D 82 32.44 1.96 -15.99
CA LYS D 82 33.37 2.71 -15.10
C LYS D 82 34.31 3.66 -15.84
N GLU D 83 34.38 3.55 -17.17
CA GLU D 83 35.00 4.54 -18.09
C GLU D 83 33.96 5.62 -18.42
N TYR D 84 32.69 5.24 -18.50
CA TYR D 84 31.54 6.17 -18.65
C TYR D 84 31.36 6.97 -17.36
N ARG D 85 31.59 6.33 -16.21
CA ARG D 85 31.61 6.97 -14.87
C ARG D 85 32.71 8.03 -14.84
N VAL D 86 33.87 7.75 -15.44
CA VAL D 86 35.01 8.69 -15.62
C VAL D 86 34.58 9.83 -16.56
N LYS D 87 33.73 9.52 -17.54
CA LYS D 87 33.21 10.56 -18.46
C LYS D 87 32.37 11.53 -17.63
N VAL D 88 31.56 10.98 -16.72
CA VAL D 88 30.72 11.81 -15.79
C VAL D 88 31.65 12.66 -14.92
N GLU D 89 32.71 12.05 -14.37
CA GLU D 89 33.70 12.73 -13.49
C GLU D 89 34.42 13.84 -14.25
N LYS D 90 34.62 13.67 -15.57
CA LYS D 90 35.31 14.67 -16.43
C LYS D 90 34.42 15.92 -16.56
N GLU D 91 33.10 15.77 -16.50
CA GLU D 91 32.13 16.90 -16.57
C GLU D 91 31.56 17.22 -15.17
N LEU D 92 32.21 16.74 -14.10
CA LEU D 92 31.77 16.96 -12.69
C LEU D 92 32.80 17.80 -11.93
N ARG D 93 34.09 17.47 -12.03
CA ARG D 93 35.18 18.11 -11.24
C ARG D 93 35.47 19.53 -11.78
N GLU D 94 35.62 19.66 -13.10
CA GLU D 94 36.05 20.92 -13.77
C GLU D 94 34.97 22.00 -13.65
N ILE D 95 33.69 21.61 -13.71
CA ILE D 95 32.53 22.54 -13.51
C ILE D 95 32.52 23.02 -12.05
N CYS D 96 32.91 22.15 -11.11
CA CYS D 96 33.06 22.48 -9.66
C CYS D 96 34.27 23.41 -9.48
N TYR D 97 35.35 23.18 -10.24
CA TYR D 97 36.55 24.06 -10.29
C TYR D 97 36.17 25.43 -10.87
N ASP D 98 35.20 25.46 -11.79
CA ASP D 98 34.65 26.70 -12.41
C ASP D 98 34.03 27.58 -11.32
N VAL D 99 33.52 26.96 -10.23
CA VAL D 99 32.94 27.66 -9.05
C VAL D 99 34.00 28.07 -8.02
N LEU D 100 35.04 27.25 -7.84
CA LEU D 100 36.07 27.45 -6.78
C LEU D 100 37.01 28.61 -7.15
N GLY D 101 37.46 28.67 -8.40
CA GLY D 101 38.26 29.78 -8.94
C GLY D 101 37.51 31.10 -8.84
N LEU D 102 36.19 31.05 -9.07
CA LEU D 102 35.24 32.20 -8.95
C LEU D 102 35.28 32.74 -7.52
N LEU D 103 35.34 31.86 -6.51
CA LEU D 103 35.39 32.30 -5.09
C LEU D 103 36.71 33.05 -4.84
N ASP D 104 37.76 32.66 -5.55
CA ASP D 104 39.11 33.29 -5.43
C ASP D 104 39.18 34.58 -6.26
N LYS D 105 38.33 34.72 -7.29
CA LYS D 105 38.33 35.88 -8.22
C LYS D 105 37.70 37.09 -7.54
N HIS D 106 36.42 37.00 -7.15
CA HIS D 106 35.59 38.17 -6.75
C HIS D 106 35.02 38.02 -5.33
N LEU D 107 34.27 36.94 -5.09
CA LEU D 107 33.49 36.69 -3.83
C LEU D 107 34.24 37.00 -2.52
N ILE D 108 35.37 36.36 -2.29
CA ILE D 108 36.10 36.40 -0.98
C ILE D 108 36.68 37.79 -0.72
N PRO D 109 37.47 38.40 -1.64
CA PRO D 109 38.02 39.73 -1.39
C PRO D 109 36.97 40.85 -1.34
N LYS D 110 35.96 40.80 -2.21
CA LYS D 110 34.86 41.79 -2.31
C LYS D 110 33.69 41.39 -1.40
N ALA D 111 33.95 41.28 -0.10
CA ALA D 111 32.97 40.95 0.96
C ALA D 111 33.12 41.96 2.11
N SER D 112 32.06 42.73 2.40
CA SER D 112 32.06 43.85 3.38
C SER D 112 31.04 43.58 4.49
N ASN D 113 30.66 42.31 4.64
CA ASN D 113 29.70 41.84 5.67
C ASN D 113 30.09 40.41 6.07
N PRO D 114 30.37 40.11 7.35
CA PRO D 114 30.77 38.77 7.78
C PRO D 114 29.76 37.69 7.36
N GLU D 115 28.46 38.00 7.48
CA GLU D 115 27.37 37.07 7.10
C GLU D 115 27.62 36.48 5.71
N SER D 116 27.94 37.33 4.72
CA SER D 116 28.23 36.96 3.32
C SER D 116 29.51 36.13 3.25
N LYS D 117 30.45 36.39 4.16
CA LYS D 117 31.77 35.68 4.24
C LYS D 117 31.54 34.25 4.75
N VAL D 118 30.63 34.07 5.73
CA VAL D 118 30.19 32.74 6.24
C VAL D 118 29.51 31.99 5.09
N PHE D 119 28.70 32.69 4.31
CA PHE D 119 27.90 32.12 3.18
C PHE D 119 28.85 31.57 2.10
N TYR D 120 29.85 32.37 1.70
CA TYR D 120 30.80 32.02 0.61
C TYR D 120 31.78 30.94 1.07
N LEU D 121 32.19 30.98 2.34
CA LEU D 121 33.10 29.96 2.95
C LEU D 121 32.34 28.63 3.09
N LYS D 122 31.03 28.68 3.37
CA LYS D 122 30.14 27.49 3.43
C LYS D 122 30.05 26.86 2.03
N MET D 123 29.88 27.69 1.01
CA MET D 123 29.77 27.28 -0.42
C MET D 123 31.10 26.62 -0.86
N LYS D 124 32.23 27.25 -0.52
CA LYS D 124 33.60 26.70 -0.80
C LYS D 124 33.71 25.31 -0.15
N GLY D 125 33.39 25.21 1.14
CA GLY D 125 33.48 23.91 1.86
C GLY D 125 32.53 22.87 1.30
N ASP D 126 31.35 23.31 0.83
CA ASP D 126 30.32 22.39 0.28
C ASP D 126 30.77 21.82 -1.08
N TYR D 127 31.51 22.61 -1.88
CA TYR D 127 31.97 22.22 -3.24
C TYR D 127 33.26 21.39 -3.14
N TYR D 128 34.04 21.59 -2.07
CA TYR D 128 35.15 20.68 -1.68
C TYR D 128 34.55 19.37 -1.13
N ARG D 129 33.37 19.43 -0.52
CA ARG D 129 32.64 18.27 0.05
C ARG D 129 32.10 17.39 -1.09
N TYR D 130 31.61 17.99 -2.17
CA TYR D 130 31.11 17.28 -3.37
C TYR D 130 32.28 16.62 -4.13
N LEU D 131 33.44 17.30 -4.16
CA LEU D 131 34.68 16.78 -4.82
C LEU D 131 35.29 15.66 -3.97
N ALA D 132 35.00 15.61 -2.66
CA ALA D 132 35.54 14.62 -1.70
C ALA D 132 34.95 13.22 -1.98
N GLU D 133 33.75 13.14 -2.57
CA GLU D 133 32.99 11.87 -2.77
C GLU D 133 33.64 11.07 -3.90
N VAL D 134 33.77 11.64 -5.11
CA VAL D 134 34.31 10.89 -6.28
C VAL D 134 35.84 10.71 -6.17
N ALA D 135 36.53 11.71 -5.62
CA ALA D 135 38.01 11.68 -5.50
C ALA D 135 38.41 10.71 -4.38
N THR D 136 39.27 9.73 -4.71
CA THR D 136 39.79 8.68 -3.80
C THR D 136 41.32 8.75 -3.74
N GLY D 137 41.93 7.90 -2.91
CA GLY D 137 43.40 7.81 -2.77
C GLY D 137 43.95 8.94 -1.91
N GLU D 138 45.02 9.59 -2.37
CA GLU D 138 45.70 10.72 -1.68
C GLU D 138 45.00 12.05 -2.05
N THR D 139 44.20 12.04 -3.13
CA THR D 139 43.47 13.25 -3.55
C THR D 139 42.43 13.60 -2.48
N ARG D 140 41.67 12.60 -2.05
CA ARG D 140 40.62 12.80 -1.01
C ARG D 140 41.21 13.52 0.19
N ASN D 141 42.38 13.08 0.67
CA ASN D 141 43.03 13.68 1.87
C ASN D 141 43.19 15.16 1.53
N SER D 142 43.78 15.49 0.38
CA SER D 142 44.08 16.87 -0.08
C SER D 142 42.77 17.68 -0.18
N VAL D 143 41.68 17.04 -0.60
CA VAL D 143 40.36 17.67 -0.86
C VAL D 143 39.66 18.00 0.47
N VAL D 144 39.66 17.06 1.42
CA VAL D 144 38.93 17.16 2.71
C VAL D 144 39.58 18.19 3.63
N GLU D 145 40.91 18.37 3.54
CA GLU D 145 41.68 19.30 4.39
C GLU D 145 41.29 20.76 4.08
N ASP D 146 40.83 21.02 2.84
CA ASP D 146 40.44 22.39 2.43
C ASP D 146 39.10 22.76 3.07
N SER D 147 38.25 21.77 3.33
CA SER D 147 36.91 22.02 3.94
C SER D 147 37.04 22.19 5.46
N GLN D 148 37.93 21.40 6.08
CA GLN D 148 38.15 21.45 7.56
C GLN D 148 38.41 22.89 8.01
N LYS D 149 39.23 23.65 7.26
CA LYS D 149 39.59 25.06 7.58
C LYS D 149 38.48 26.01 7.11
N ALA D 150 37.70 25.61 6.09
CA ALA D 150 36.63 26.42 5.47
C ALA D 150 35.44 26.57 6.43
N TYR D 151 34.99 25.45 7.02
CA TYR D 151 33.85 25.47 7.96
C TYR D 151 34.32 25.93 9.34
N GLN D 152 35.63 25.82 9.60
CA GLN D 152 36.22 26.23 10.91
C GLN D 152 36.41 27.76 10.92
N ASP D 153 36.48 28.38 9.74
CA ASP D 153 36.67 29.84 9.63
C ASP D 153 35.31 30.52 9.46
N ALA D 154 34.24 29.73 9.40
CA ALA D 154 32.86 30.27 9.24
C ALA D 154 32.09 30.10 10.55
N PHE D 155 32.26 28.95 11.22
CA PHE D 155 31.56 28.67 12.51
C PHE D 155 31.89 29.78 13.52
N GLU D 156 33.16 30.15 13.61
CA GLU D 156 33.61 31.21 14.55
C GLU D 156 32.77 32.48 14.36
N ILE D 157 32.71 32.98 13.12
CA ILE D 157 31.92 34.21 12.80
C ILE D 157 30.45 33.90 13.08
N SER D 158 29.98 32.71 12.69
CA SER D 158 28.56 32.32 12.89
C SER D 158 28.20 32.49 14.38
N LYS D 159 29.12 32.13 15.27
CA LYS D 159 28.88 32.13 16.75
C LYS D 159 28.95 33.57 17.29
N ALA D 160 29.85 34.40 16.76
CA ALA D 160 30.20 35.74 17.31
C ALA D 160 29.33 36.84 16.68
N LYS D 161 28.92 36.68 15.41
CA LYS D 161 28.24 37.76 14.62
C LYS D 161 26.77 37.43 14.37
N MET D 162 26.37 36.16 14.34
CA MET D 162 24.94 35.85 14.08
C MET D 162 24.36 35.01 15.22
N GLN D 163 23.04 35.09 15.41
CA GLN D 163 22.35 34.28 16.42
C GLN D 163 22.35 32.80 16.05
N PRO D 164 22.25 31.87 17.03
CA PRO D 164 22.22 30.44 16.73
C PRO D 164 20.93 30.00 16.00
N THR D 165 19.93 30.88 15.96
CA THR D 165 18.64 30.68 15.25
C THR D 165 18.72 31.16 13.79
N HIS D 166 19.88 31.69 13.38
CA HIS D 166 20.09 32.22 11.99
C HIS D 166 20.14 31.05 11.01
N PRO D 167 19.38 31.11 9.89
CA PRO D 167 19.30 30.00 8.94
C PRO D 167 20.63 29.64 8.24
N ILE D 168 21.51 30.62 8.04
CA ILE D 168 22.86 30.43 7.41
C ILE D 168 23.75 29.62 8.36
N ARG D 169 23.70 29.93 9.66
CA ARG D 169 24.43 29.21 10.74
C ARG D 169 23.85 27.81 10.92
N LEU D 170 22.53 27.67 10.76
CA LEU D 170 21.80 26.36 10.84
C LEU D 170 22.24 25.47 9.67
N GLY D 171 22.22 26.02 8.45
CA GLY D 171 22.72 25.35 7.23
C GLY D 171 24.19 24.99 7.34
N LEU D 172 24.99 25.86 7.98
CA LEU D 172 26.45 25.64 8.20
C LEU D 172 26.65 24.41 9.09
N ALA D 173 25.96 24.36 10.24
CA ALA D 173 26.00 23.23 11.20
C ALA D 173 25.50 21.94 10.52
N LEU D 174 24.49 22.06 9.65
CA LEU D 174 23.86 20.91 8.93
C LEU D 174 24.87 20.31 7.95
N ASN D 175 25.43 21.14 7.05
CA ASN D 175 26.39 20.70 6.01
C ASN D 175 27.66 20.15 6.67
N PHE D 176 28.13 20.77 7.75
CA PHE D 176 29.35 20.37 8.50
C PHE D 176 29.08 19.06 9.26
N SER D 177 27.83 18.83 9.67
CA SER D 177 27.37 17.58 10.34
C SER D 177 27.41 16.40 9.36
N VAL D 178 26.94 16.61 8.12
CA VAL D 178 26.91 15.57 7.05
C VAL D 178 28.34 15.34 6.55
N PHE D 179 29.20 16.37 6.58
CA PHE D 179 30.64 16.28 6.24
C PHE D 179 31.33 15.32 7.23
N TYR D 180 31.05 15.47 8.53
CA TYR D 180 31.60 14.62 9.61
C TYR D 180 31.09 13.17 9.45
N TYR D 181 29.82 12.99 9.07
CA TYR D 181 29.16 11.66 9.03
C TYR D 181 29.64 10.87 7.81
N GLU D 182 29.61 11.47 6.62
CA GLU D 182 29.80 10.77 5.32
C GLU D 182 31.29 10.65 4.99
N ILE D 183 32.10 11.67 5.29
CA ILE D 183 33.52 11.77 4.85
C ILE D 183 34.43 11.18 5.93
N LEU D 184 34.46 11.78 7.12
CA LEU D 184 35.40 11.41 8.22
C LEU D 184 34.84 10.22 9.03
N ASN D 185 33.54 9.96 8.95
CA ASN D 185 32.86 8.79 9.57
C ASN D 185 33.08 8.81 11.09
N SER D 186 32.83 9.96 11.72
CA SER D 186 32.80 10.15 13.20
C SER D 186 31.38 10.52 13.60
N PRO D 187 30.44 9.54 13.65
CA PRO D 187 29.01 9.84 13.78
C PRO D 187 28.59 10.36 15.16
N ASP D 188 29.38 10.06 16.20
CA ASP D 188 29.15 10.52 17.59
C ASP D 188 29.42 12.03 17.67
N LYS D 189 30.45 12.53 16.98
CA LYS D 189 30.78 13.98 16.92
C LYS D 189 29.72 14.71 16.10
N ALA D 190 29.21 14.06 15.04
CA ALA D 190 28.11 14.57 14.18
C ALA D 190 26.83 14.70 15.01
N CYS D 191 26.51 13.68 15.81
CA CYS D 191 25.31 13.60 16.69
C CYS D 191 25.39 14.68 17.78
N GLN D 192 26.57 14.89 18.36
CA GLN D 192 26.74 15.89 19.45
C GLN D 192 26.60 17.27 18.80
N LEU D 193 27.37 17.52 17.74
CA LEU D 193 27.38 18.84 17.05
C LEU D 193 25.91 19.20 16.81
N ALA D 194 25.18 18.32 16.15
CA ALA D 194 23.76 18.58 15.81
C ALA D 194 23.00 18.90 17.10
N LYS D 195 23.08 18.00 18.09
CA LYS D 195 22.35 18.18 19.37
C LYS D 195 22.68 19.55 19.97
N GLN D 196 23.97 19.95 19.93
CA GLN D 196 24.46 21.26 20.40
C GLN D 196 23.80 22.39 19.61
N ALA D 197 23.77 22.26 18.27
CA ALA D 197 23.17 23.22 17.32
C ALA D 197 21.66 23.32 17.57
N PHE D 198 20.98 22.18 17.77
CA PHE D 198 19.51 22.10 17.91
C PHE D 198 19.08 22.63 19.28
N ASP D 199 19.78 22.21 20.35
CA ASP D 199 19.47 22.65 21.73
C ASP D 199 19.64 24.16 21.81
N ASP D 200 20.71 24.70 21.19
CA ASP D 200 20.98 26.16 21.19
C ASP D 200 19.84 26.87 20.46
N ALA D 201 19.37 26.28 19.35
CA ALA D 201 18.26 26.85 18.56
C ALA D 201 16.99 26.92 19.44
N ILE D 202 16.71 25.84 20.17
CA ILE D 202 15.51 25.81 21.07
C ILE D 202 15.72 26.79 22.23
N ALA D 203 16.96 26.92 22.73
CA ALA D 203 17.33 27.80 23.86
C ALA D 203 17.09 29.27 23.51
N GLU D 204 17.17 29.63 22.23
CA GLU D 204 16.91 30.99 21.71
C GLU D 204 15.94 30.90 20.52
N LEU D 205 14.63 30.94 20.79
CA LEU D 205 13.54 30.84 19.78
C LEU D 205 12.49 31.92 20.05
N ASP D 206 11.63 32.18 19.05
CA ASP D 206 10.50 33.15 19.11
C ASP D 206 11.05 34.58 19.15
N THR D 207 12.21 34.81 18.53
CA THR D 207 12.85 36.14 18.36
C THR D 207 13.04 36.46 16.86
N LEU D 208 12.60 35.58 15.97
CA LEU D 208 12.90 35.62 14.51
C LEU D 208 12.07 36.74 13.86
N ASN D 209 12.38 37.07 12.61
CA ASN D 209 11.61 37.99 11.74
C ASN D 209 10.36 37.27 11.23
N GLU D 210 9.49 37.99 10.51
CA GLU D 210 8.25 37.38 9.95
C GLU D 210 8.63 36.48 8.77
N ASP D 211 9.56 36.94 7.93
CA ASP D 211 10.03 36.15 6.76
C ASP D 211 10.73 34.88 7.24
N SER D 212 11.51 34.98 8.32
CA SER D 212 12.30 33.84 8.87
C SER D 212 11.44 32.88 9.69
N TYR D 213 10.33 32.40 9.12
CA TYR D 213 9.45 31.42 9.82
C TYR D 213 9.21 30.19 8.94
N LYS D 214 9.98 30.05 7.85
CA LYS D 214 9.85 28.94 6.87
C LYS D 214 11.20 28.23 6.70
N ASP D 215 12.25 28.99 6.38
CA ASP D 215 13.60 28.43 6.13
C ASP D 215 14.21 27.86 7.41
N SER D 216 14.16 28.61 8.51
CA SER D 216 14.75 28.14 9.79
C SER D 216 14.06 26.80 10.06
N THR D 217 12.72 26.81 10.16
CA THR D 217 11.94 25.62 10.58
C THR D 217 12.31 24.40 9.72
N LEU D 218 12.47 24.61 8.41
CA LEU D 218 12.79 23.51 7.45
C LEU D 218 14.16 22.91 7.78
N ILE D 219 15.15 23.76 8.12
CA ILE D 219 16.52 23.26 8.44
C ILE D 219 16.48 22.48 9.76
N MET D 220 15.87 23.06 10.79
CA MET D 220 15.78 22.41 12.12
C MET D 220 14.95 21.12 11.99
N GLN D 221 13.97 21.12 11.09
CA GLN D 221 13.10 19.93 10.85
C GLN D 221 13.94 18.82 10.20
N LEU D 222 14.82 19.17 9.27
CA LEU D 222 15.80 18.23 8.65
C LEU D 222 16.83 17.80 9.71
N LEU D 223 17.18 18.69 10.64
CA LEU D 223 18.09 18.38 11.78
C LEU D 223 17.48 17.28 12.65
N ARG D 224 16.18 17.40 12.97
CA ARG D 224 15.40 16.38 13.73
C ARG D 224 15.35 15.07 12.93
N ASP D 225 15.25 15.17 11.60
CA ASP D 225 15.21 14.01 10.66
C ASP D 225 16.56 13.27 10.69
N ASN D 226 17.67 14.00 10.68
CA ASN D 226 19.05 13.43 10.77
C ASN D 226 19.24 12.75 12.13
N LEU D 227 18.77 13.38 13.19
CA LEU D 227 18.98 12.95 14.60
C LEU D 227 18.18 11.65 14.89
N THR D 228 16.94 11.56 14.41
CA THR D 228 16.07 10.36 14.55
C THR D 228 16.64 9.24 13.66
N LEU D 229 17.24 9.59 12.51
CA LEU D 229 17.88 8.62 11.57
C LEU D 229 19.16 8.07 12.21
N TRP D 230 19.92 8.90 12.95
CA TRP D 230 21.29 8.59 13.43
C TRP D 230 21.27 8.01 14.86
N THR D 231 20.15 8.12 15.59
CA THR D 231 19.97 7.47 16.91
C THR D 231 19.90 5.94 16.72
N SER D 232 19.04 5.49 15.80
CA SER D 232 18.83 4.07 15.44
C SER D 232 20.05 3.55 14.65
PG AGS E . -9.43 -18.55 1.92
S1G AGS E . -10.00 -17.01 3.19
O2G AGS E . -8.43 -17.98 0.79
O3G AGS E . -10.63 -19.11 1.28
PB AGS E . -7.22 -19.51 3.35
O1B AGS E . -6.36 -18.79 2.34
O2B AGS E . -7.32 -18.96 4.76
O3B AGS E . -8.70 -19.70 2.77
PA AGS E . -6.84 -22.03 2.21
O1A AGS E . -6.43 -21.30 0.96
O2A AGS E . -8.21 -22.66 2.28
O3A AGS E . -6.70 -21.03 3.46
O5' AGS E . -5.76 -23.20 2.50
C5' AGS E . -4.80 -23.13 3.56
C4' AGS E . -3.50 -23.80 3.14
O4' AGS E . -3.64 -24.42 1.85
C3' AGS E . -2.31 -22.84 3.05
O3' AGS E . -1.40 -23.06 4.11
C2' AGS E . -1.67 -23.09 1.69
O2' AGS E . -0.31 -23.51 1.83
C1' AGS E . -2.50 -24.18 1.02
N9 AGS E . -2.92 -23.78 -0.34
C8 AGS E . -4.07 -23.17 -0.69
N7 AGS E . -4.12 -22.98 -2.03
C5 AGS E . -2.99 -23.47 -2.56
C6 AGS E . -2.39 -23.59 -3.91
N6 AGS E . -3.05 -23.13 -5.01
N1 AGS E . -1.17 -24.18 -4.00
C2 AGS E . -0.51 -24.64 -2.92
N3 AGS E . -1.00 -24.56 -1.67
C4 AGS E . -2.20 -24.00 -1.44
ZN ZN F . -4.46 17.87 -9.84
ZN ZN G . 6.07 16.63 2.36
PB ADP H . -19.49 -22.70 20.17
O1B ADP H . -19.61 -21.19 20.06
O2B ADP H . -19.70 -23.20 21.58
O3B ADP H . -20.36 -23.43 19.17
PA ADP H . -17.02 -24.30 20.17
O1A ADP H . -16.34 -23.98 21.46
O2A ADP H . -16.17 -24.62 18.99
O3A ADP H . -17.98 -23.06 19.78
O5' ADP H . -18.09 -25.47 20.41
C5' ADP H . -18.34 -26.41 19.33
C4' ADP H . -19.45 -27.36 19.71
O4' ADP H . -18.92 -28.38 20.59
C3' ADP H . -20.65 -26.75 20.44
O3' ADP H . -21.83 -26.87 19.64
C2' ADP H . -20.79 -27.54 21.75
O2' ADP H . -22.11 -27.92 22.01
C1' ADP H . -19.91 -28.76 21.52
N9 ADP H . -19.24 -29.24 22.72
C8 ADP H . -18.06 -28.74 23.22
N7 ADP H . -17.66 -29.34 24.32
C5 ADP H . -18.64 -30.29 24.56
C6 ADP H . -18.80 -31.24 25.58
N6 ADP H . -17.94 -31.40 26.58
N1 ADP H . -19.89 -32.04 25.53
C2 ADP H . -20.76 -31.87 24.53
N3 ADP H . -20.72 -31.01 23.51
C4 ADP H . -19.62 -30.24 23.58
MG MG I . -18.21 -23.72 22.92
C10 LCJ J . -10.62 -22.28 25.38
C11 LCJ J . -9.52 -20.36 26.17
C12 LCJ J . -11.44 -21.51 24.55
C13 LCJ J . -10.35 -19.55 25.33
C14 LCJ J . -11.29 -20.15 24.54
C15 LCJ J . -8.74 -22.18 27.05
C16 LCJ J . -8.49 -20.03 27.05
C17 LCJ J . -11.19 -24.45 26.61
C18 LCJ J . -12.49 -22.19 23.67
C19 LCJ J . -11.52 -25.80 26.50
C20 LCJ J . -11.29 -23.84 27.86
C21 LCJ J . -11.94 -26.51 27.61
C22 LCJ J . -11.71 -24.55 28.97
C23 LCJ J . -12.04 -25.90 28.84
C24 LCJ J . -13.33 -22.93 20.69
C25 LCJ J . -13.29 -22.09 19.41
F02 LCJ J . -11.43 -26.42 25.28
I01 LCJ J . -12.69 -26.99 30.53
N06 LCJ J . -9.66 -21.66 26.17
N07 LCJ J . -10.74 -23.73 25.42
N08 LCJ J . -8.04 -21.16 27.59
N09 LCJ J . -13.02 -21.53 22.48
O03 LCJ J . -13.97 -22.19 21.69
O04 LCJ J . -12.86 -23.29 23.93
O05 LCJ J . -12.25 -22.57 18.60
#